data_2Z8E
#
_entry.id   2Z8E
#
_cell.length_a   106.410
_cell.length_b   143.403
_cell.length_c   115.469
_cell.angle_alpha   90.00
_cell.angle_beta   90.00
_cell.angle_gamma   90.00
#
_symmetry.space_group_name_H-M   'C 2 2 21'
#
loop_
_entity.id
_entity.type
_entity.pdbx_description
1 polymer 'Galacto-N-biose/lacto-N-biose I transporter substrate-binding protein'
2 branched beta-D-galactopyranose-(1-3)-2-acetamido-2-deoxy-beta-D-galactopyranose
3 non-polymer 'ZINC ION'
4 non-polymer '2-(N-MORPHOLINO)-ETHANESULFONIC ACID'
5 water water
#
_entity_poly.entity_id   1
_entity_poly.type   'polypeptide(L)'
_entity_poly.pdbx_seq_one_letter_code
;MDTAGDTKTTDDGGVVNITYMHRLPDSEGMTLVNDIVAKWNKQHPDIQVKATKFDGKASDMIKKLETDVKSGEAPDLAQV
GYAELPEVFTKGLLQDVTQYAEQYKNDFASGPYSLVQVGGKAYGLPQDTGPLVYFYNKAEFEKLGITEIPQTADEFIAAA
KTAAAAGKYIMSYQPDEAGNMISGLAGASGGWYKVKGDSWVVNTETDGSKATADFYQQLLDAKAATTNPRWDPSFDASIK
DGSLIGTVAAAWEAPLFMTSSGGTGSGEWQVAQLGDWFGNAGKTGPDGGSAVAVLKNSKHPKEAMEFLDWFNTQVPDLVS
QGLVPAATTEDAETPSEWSTFFGGQDIMKEFKTANNNMGDFTYMPGFSAVAAKMNETAAKATDGSGKVADIFSDAQTTSV
DTLKNFGLSVSE
;
_entity_poly.pdbx_strand_id   A,B
#
loop_
_chem_comp.id
_chem_comp.type
_chem_comp.name
_chem_comp.formula
GAL D-saccharide, beta linking beta-D-galactopyranose 'C6 H12 O6'
MES non-polymer '2-(N-MORPHOLINO)-ETHANESULFONIC ACID' 'C6 H13 N O4 S'
NGA D-saccharide, beta linking 2-acetamido-2-deoxy-beta-D-galactopyranose 'C8 H15 N O6'
ZN non-polymer 'ZINC ION' 'Zn 2'
#
# COMPACT_ATOMS: atom_id res chain seq x y z
N ASP A 11 15.66 41.80 -28.81
CA ASP A 11 15.33 41.81 -27.36
C ASP A 11 14.05 42.59 -27.08
N ASP A 12 13.30 42.18 -26.07
CA ASP A 12 12.17 42.99 -25.59
C ASP A 12 12.60 44.39 -25.26
N GLY A 13 11.65 45.30 -25.12
CA GLY A 13 11.92 46.62 -24.59
C GLY A 13 12.16 46.55 -23.09
N GLY A 14 12.47 47.69 -22.49
CA GLY A 14 12.92 47.75 -21.10
C GLY A 14 11.99 47.16 -20.05
N VAL A 15 10.70 47.44 -20.18
CA VAL A 15 9.69 46.93 -19.25
C VAL A 15 8.77 46.01 -20.00
N VAL A 16 8.73 44.75 -19.56
CA VAL A 16 7.74 43.80 -20.01
C VAL A 16 6.63 43.68 -18.95
N ASN A 17 5.37 43.67 -19.39
CA ASN A 17 4.22 43.57 -18.48
C ASN A 17 3.54 42.21 -18.63
N ILE A 18 3.39 41.53 -17.50
CA ILE A 18 2.86 40.16 -17.42
C ILE A 18 1.59 40.17 -16.57
N THR A 19 0.57 39.46 -17.04
CA THR A 19 -0.63 39.27 -16.24
C THR A 19 -0.77 37.79 -15.79
N TYR A 20 -1.28 37.60 -14.56
CA TYR A 20 -1.36 36.30 -13.91
C TYR A 20 -2.73 36.20 -13.22
N MET A 21 -3.60 35.35 -13.74
CA MET A 21 -4.89 35.10 -13.09
C MET A 21 -4.81 33.79 -12.27
N HIS A 22 -5.16 33.88 -10.99
CA HIS A 22 -5.08 32.72 -10.11
C HIS A 22 -6.42 32.52 -9.38
N ARG A 23 -6.55 31.40 -8.67
CA ARG A 23 -7.75 31.16 -7.86
C ARG A 23 -7.32 30.68 -6.48
N LEU A 24 -6.25 31.31 -5.99
CA LEU A 24 -5.78 31.04 -4.66
C LEU A 24 -6.64 31.77 -3.64
N PRO A 25 -6.82 31.17 -2.43
CA PRO A 25 -7.83 31.73 -1.51
C PRO A 25 -7.65 33.21 -1.11
N ASP A 26 -6.42 33.62 -0.78
CA ASP A 26 -6.16 34.97 -0.29
C ASP A 26 -7.00 35.34 0.93
N SER A 27 -7.11 34.46 1.92
CA SER A 27 -8.01 34.79 3.01
C SER A 27 -7.22 35.55 4.08
N GLU A 28 -7.89 36.04 5.13
CA GLU A 28 -7.18 36.64 6.25
C GLU A 28 -6.16 35.68 6.84
N GLY A 29 -5.02 36.22 7.27
CA GLY A 29 -3.93 35.41 7.84
C GLY A 29 -2.89 34.89 6.83
N MET A 30 -3.22 34.93 5.54
CA MET A 30 -2.38 34.37 4.49
C MET A 30 -1.49 35.49 3.89
N THR A 31 -0.39 35.09 3.27
CA THR A 31 0.47 36.02 2.55
C THR A 31 -0.16 36.17 1.21
N LEU A 32 -0.77 37.33 1.02
CA LEU A 32 -1.59 37.55 -0.13
C LEU A 32 -0.79 37.51 -1.42
N VAL A 33 -1.40 37.01 -2.49
CA VAL A 33 -0.68 36.87 -3.75
C VAL A 33 -0.12 38.26 -4.17
N ASN A 34 -0.94 39.31 -4.06
CA ASN A 34 -0.47 40.63 -4.49
C ASN A 34 0.73 41.09 -3.73
N ASP A 35 0.84 40.69 -2.46
CA ASP A 35 1.98 41.02 -1.62
C ASP A 35 3.19 40.18 -2.00
N ILE A 36 2.94 38.96 -2.46
CA ILE A 36 4.00 38.11 -3.04
C ILE A 36 4.55 38.76 -4.32
N VAL A 37 3.65 39.06 -5.23
CA VAL A 37 4.01 39.75 -6.46
C VAL A 37 4.69 41.12 -6.26
N ALA A 38 4.28 41.89 -5.25
CA ALA A 38 4.93 43.19 -4.96
C ALA A 38 6.45 43.08 -4.69
N LYS A 39 6.85 42.01 -4.01
CA LYS A 39 8.26 41.65 -3.84
C LYS A 39 9.01 41.46 -5.17
N TRP A 40 8.44 40.68 -6.07
CA TRP A 40 9.01 40.49 -7.40
C TRP A 40 9.09 41.84 -8.16
N ASN A 41 8.00 42.59 -8.15
CA ASN A 41 7.90 43.84 -8.91
C ASN A 41 8.93 44.88 -8.51
N LYS A 42 9.24 44.89 -7.21
CA LYS A 42 10.26 45.73 -6.64
C LYS A 42 11.67 45.35 -7.12
N GLN A 43 11.90 44.05 -7.26
CA GLN A 43 13.19 43.54 -7.72
C GLN A 43 13.39 43.59 -9.22
N HIS A 44 12.28 43.60 -9.95
CA HIS A 44 12.31 43.43 -11.39
C HIS A 44 11.47 44.46 -12.13
N PRO A 45 11.98 45.70 -12.19
CA PRO A 45 11.33 46.76 -13.02
C PRO A 45 11.21 46.35 -14.49
N ASP A 46 12.05 45.40 -14.93
CA ASP A 46 12.09 44.89 -16.32
C ASP A 46 10.98 43.88 -16.68
N ILE A 47 10.37 43.26 -15.66
CA ILE A 47 9.23 42.34 -15.82
C ILE A 47 8.21 42.64 -14.71
N GLN A 48 7.20 43.44 -15.03
CA GLN A 48 6.23 43.88 -14.05
C GLN A 48 5.00 42.97 -14.14
N VAL A 49 4.50 42.57 -12.98
CA VAL A 49 3.49 41.54 -12.93
C VAL A 49 2.21 42.04 -12.29
N LYS A 50 1.10 41.80 -12.98
CA LYS A 50 -0.24 42.07 -12.44
C LYS A 50 -0.96 40.75 -12.20
N ALA A 51 -1.24 40.48 -10.92
CA ALA A 51 -1.96 39.26 -10.52
C ALA A 51 -3.39 39.59 -10.12
N THR A 52 -4.34 38.79 -10.59
CA THR A 52 -5.75 38.92 -10.20
C THR A 52 -6.41 37.58 -9.83
N LYS A 53 -7.26 37.60 -8.79
CA LYS A 53 -8.00 36.40 -8.35
C LYS A 53 -9.31 36.28 -9.10
N PHE A 54 -9.51 35.16 -9.79
CA PHE A 54 -10.81 34.85 -10.44
C PHE A 54 -12.00 35.10 -9.47
N ASP A 55 -13.00 35.87 -9.91
CA ASP A 55 -14.22 36.13 -9.14
C ASP A 55 -15.30 35.14 -9.58
N GLY A 56 -15.50 34.10 -8.76
CA GLY A 56 -16.42 33.06 -9.11
C GLY A 56 -16.01 31.74 -8.53
N LYS A 57 -16.74 30.71 -8.96
CA LYS A 57 -16.62 29.32 -8.47
C LYS A 57 -15.43 28.67 -9.21
N ALA A 58 -14.58 27.95 -8.46
CA ALA A 58 -13.34 27.39 -9.05
C ALA A 58 -13.51 26.77 -10.45
N SER A 59 -14.47 25.86 -10.63
CA SER A 59 -14.68 25.13 -11.90
C SER A 59 -15.13 26.01 -13.07
N ASP A 60 -15.44 27.28 -12.78
CA ASP A 60 -15.85 28.22 -13.83
C ASP A 60 -14.65 28.97 -14.41
N MET A 61 -13.53 28.98 -13.67
CA MET A 61 -12.32 29.65 -14.14
C MET A 61 -11.94 29.29 -15.54
N ILE A 62 -11.85 28.00 -15.89
CA ILE A 62 -11.36 27.67 -17.24
C ILE A 62 -12.35 28.03 -18.37
N LYS A 63 -13.62 28.22 -18.02
CA LYS A 63 -14.61 28.71 -18.99
C LYS A 63 -14.31 30.18 -19.30
N LYS A 64 -13.97 30.95 -18.25
CA LYS A 64 -13.56 32.35 -18.44
C LYS A 64 -12.29 32.46 -19.24
N LEU A 65 -11.33 31.57 -18.98
CA LEU A 65 -10.09 31.59 -19.78
C LEU A 65 -10.41 31.33 -21.24
N GLU A 66 -11.35 30.43 -21.49
CA GLU A 66 -11.76 30.11 -22.85
C GLU A 66 -12.40 31.31 -23.54
N THR A 67 -13.34 31.96 -22.85
CA THR A 67 -13.94 33.19 -23.32
C THR A 67 -12.85 34.22 -23.67
N ASP A 68 -11.91 34.40 -22.73
CA ASP A 68 -10.88 35.41 -22.86
C ASP A 68 -9.77 35.12 -23.84
N VAL A 69 -9.41 33.86 -24.05
CA VAL A 69 -8.49 33.51 -25.14
C VAL A 69 -9.08 33.88 -26.51
N LYS A 70 -10.35 33.52 -26.71
CA LYS A 70 -11.05 33.76 -27.98
C LYS A 70 -11.19 35.26 -28.23
N SER A 71 -11.39 36.03 -27.15
CA SER A 71 -11.44 37.47 -27.17
C SER A 71 -10.11 38.13 -27.50
N GLY A 72 -9.03 37.58 -26.94
CA GLY A 72 -7.74 38.25 -26.87
C GLY A 72 -7.66 39.19 -25.68
N GLU A 73 -8.38 38.90 -24.59
CA GLU A 73 -8.21 39.61 -23.31
C GLU A 73 -7.70 38.65 -22.23
N ALA A 74 -7.03 37.58 -22.68
CA ALA A 74 -6.53 36.55 -21.76
C ALA A 74 -5.31 37.03 -20.97
N PRO A 75 -5.06 36.47 -19.75
CA PRO A 75 -3.79 36.82 -19.10
C PRO A 75 -2.62 36.07 -19.73
N ASP A 76 -1.37 36.38 -19.38
CA ASP A 76 -0.25 35.56 -19.87
C ASP A 76 -0.24 34.18 -19.19
N LEU A 77 -0.48 34.20 -17.88
CA LEU A 77 -0.43 33.05 -16.99
C LEU A 77 -1.77 32.87 -16.31
N ALA A 78 -2.21 31.62 -16.21
CA ALA A 78 -3.42 31.33 -15.40
C ALA A 78 -3.31 30.00 -14.68
N GLN A 79 -3.92 29.94 -13.47
CA GLN A 79 -3.98 28.68 -12.74
C GLN A 79 -4.86 27.67 -13.51
N VAL A 80 -4.33 26.46 -13.69
CA VAL A 80 -4.99 25.41 -14.42
C VAL A 80 -4.78 24.12 -13.64
N GLY A 81 -5.86 23.51 -13.15
CA GLY A 81 -5.75 22.23 -12.44
C GLY A 81 -5.08 21.14 -13.28
N TYR A 82 -4.32 20.26 -12.67
CA TYR A 82 -3.81 19.10 -13.43
C TYR A 82 -4.96 18.42 -14.17
N ALA A 83 -6.08 18.23 -13.49
CA ALA A 83 -7.27 17.61 -14.12
C ALA A 83 -7.85 18.39 -15.29
N GLU A 84 -7.59 19.71 -15.31
CA GLU A 84 -8.12 20.62 -16.35
C GLU A 84 -7.16 20.84 -17.52
N LEU A 85 -5.89 20.51 -17.30
CA LEU A 85 -4.86 20.77 -18.29
C LEU A 85 -5.12 20.05 -19.62
N PRO A 86 -5.36 18.70 -19.60
CA PRO A 86 -5.67 18.03 -20.88
C PRO A 86 -6.90 18.63 -21.60
N GLU A 87 -7.91 19.05 -20.85
CA GLU A 87 -9.07 19.74 -21.43
C GLU A 87 -8.72 21.08 -22.09
N VAL A 88 -8.08 22.00 -21.37
CA VAL A 88 -7.79 23.29 -21.96
C VAL A 88 -6.76 23.15 -23.07
N PHE A 89 -5.88 22.12 -22.97
CA PHE A 89 -4.95 21.82 -24.06
C PHE A 89 -5.71 21.53 -25.33
N THR A 90 -6.64 20.56 -25.23
CA THR A 90 -7.46 20.13 -26.35
C THR A 90 -8.25 21.31 -26.96
N LYS A 91 -8.69 22.24 -26.13
CA LYS A 91 -9.40 23.42 -26.65
C LYS A 91 -8.44 24.51 -27.24
N GLY A 92 -7.14 24.24 -27.24
CA GLY A 92 -6.14 25.14 -27.86
C GLY A 92 -5.84 26.41 -27.09
N LEU A 93 -6.05 26.39 -25.77
CA LEU A 93 -5.86 27.60 -24.96
C LEU A 93 -4.41 27.82 -24.45
N LEU A 94 -3.54 26.85 -24.66
CA LEU A 94 -2.21 26.86 -24.03
C LEU A 94 -1.10 27.24 -25.01
N GLN A 95 0.05 27.63 -24.45
CA GLN A 95 1.24 27.86 -25.26
C GLN A 95 2.33 26.88 -24.88
N ASP A 96 2.81 26.11 -25.87
CA ASP A 96 3.97 25.27 -25.69
C ASP A 96 5.15 26.16 -25.22
N VAL A 97 5.66 25.90 -24.01
CA VAL A 97 6.78 26.64 -23.42
C VAL A 97 7.86 25.65 -23.00
N THR A 98 7.99 24.56 -23.75
CA THR A 98 8.93 23.51 -23.39
C THR A 98 10.38 24.02 -23.19
N GLN A 99 10.82 24.92 -24.05
CA GLN A 99 12.23 25.31 -24.06
C GLN A 99 12.55 26.15 -22.82
N TYR A 100 11.50 26.66 -22.18
CA TYR A 100 11.61 27.47 -20.97
C TYR A 100 11.42 26.62 -19.70
N ALA A 101 10.38 25.79 -19.68
CA ALA A 101 10.16 24.77 -18.62
C ALA A 101 11.39 23.94 -18.27
N GLU A 102 12.09 23.44 -19.30
CA GLU A 102 13.32 22.62 -19.15
C GLU A 102 14.39 23.25 -18.24
N GLN A 103 14.50 24.58 -18.28
CA GLN A 103 15.46 25.36 -17.46
C GLN A 103 15.15 25.34 -15.98
N TYR A 104 13.85 25.32 -15.67
CA TYR A 104 13.32 25.31 -14.28
C TYR A 104 12.92 23.93 -13.75
N LYS A 105 13.03 22.91 -14.60
CA LYS A 105 12.56 21.55 -14.25
C LYS A 105 13.05 21.02 -12.87
N ASN A 106 14.31 21.32 -12.56
CA ASN A 106 14.93 20.82 -11.35
C ASN A 106 14.48 21.49 -10.07
N ASP A 107 13.72 22.57 -10.21
CA ASP A 107 13.11 23.23 -9.04
C ASP A 107 11.89 22.47 -8.51
N PHE A 108 11.41 21.49 -9.26
CA PHE A 108 10.09 20.86 -8.98
C PHE A 108 10.14 19.34 -8.87
N ALA A 109 9.29 18.77 -8.00
CA ALA A 109 9.18 17.30 -7.94
C ALA A 109 8.86 16.70 -9.34
N SER A 110 9.40 15.52 -9.68
CA SER A 110 9.20 14.97 -11.00
C SER A 110 7.74 14.61 -11.37
N GLY A 111 6.95 14.14 -10.40
CA GLY A 111 5.53 13.79 -10.74
C GLY A 111 4.74 15.03 -11.19
N PRO A 112 4.61 16.04 -10.31
CA PRO A 112 3.91 17.27 -10.70
C PRO A 112 4.46 17.90 -11.99
N TYR A 113 5.77 17.81 -12.23
CA TYR A 113 6.34 18.35 -13.46
C TYR A 113 5.83 17.61 -14.70
N SER A 114 5.75 16.29 -14.63
CA SER A 114 5.14 15.51 -15.73
C SER A 114 3.67 15.89 -16.01
N LEU A 115 2.96 16.38 -15.01
CA LEU A 115 1.55 16.80 -15.17
C LEU A 115 1.34 18.16 -15.88
N VAL A 116 2.42 18.88 -16.17
CA VAL A 116 2.34 20.08 -17.04
C VAL A 116 2.68 19.77 -18.50
N GLN A 117 2.88 18.48 -18.77
CA GLN A 117 3.22 18.04 -20.12
C GLN A 117 2.07 17.33 -20.84
N VAL A 118 2.00 17.54 -22.16
CA VAL A 118 1.13 16.76 -23.04
C VAL A 118 1.97 16.44 -24.23
N GLY A 119 2.14 15.14 -24.46
CA GLY A 119 2.88 14.66 -25.61
C GLY A 119 4.33 15.09 -25.58
N GLY A 120 4.88 15.15 -24.37
CA GLY A 120 6.29 15.51 -24.15
C GLY A 120 6.58 16.97 -24.44
N LYS A 121 5.54 17.78 -24.56
CA LYS A 121 5.71 19.26 -24.54
C LYS A 121 5.18 19.81 -23.19
N ALA A 122 5.78 20.90 -22.69
CA ALA A 122 5.33 21.50 -21.41
C ALA A 122 4.57 22.80 -21.64
N TYR A 123 3.59 23.08 -20.76
CA TYR A 123 2.64 24.20 -20.95
C TYR A 123 2.60 25.15 -19.79
N GLY A 124 3.51 24.93 -18.83
CA GLY A 124 3.67 25.80 -17.66
C GLY A 124 4.52 25.12 -16.62
N LEU A 125 4.23 25.39 -15.35
CA LEU A 125 4.97 24.80 -14.26
C LEU A 125 4.01 24.37 -13.15
N PRO A 126 4.33 23.26 -12.48
CA PRO A 126 3.44 22.76 -11.43
C PRO A 126 3.51 23.67 -10.21
N GLN A 127 2.42 23.75 -9.47
CA GLN A 127 2.42 24.65 -8.33
C GLN A 127 2.21 23.91 -7.03
N ASP A 128 1.28 22.94 -7.01
CA ASP A 128 0.98 22.25 -5.74
C ASP A 128 0.41 20.86 -5.98
N THR A 129 0.18 20.12 -4.91
CA THR A 129 -0.46 18.81 -5.06
C THR A 129 -1.59 18.66 -4.07
N GLY A 130 -2.55 17.80 -4.39
CA GLY A 130 -3.74 17.62 -3.58
C GLY A 130 -4.06 16.25 -3.02
N PRO A 131 -3.14 15.68 -2.23
CA PRO A 131 -3.43 14.36 -1.64
C PRO A 131 -4.60 14.38 -0.64
N LEU A 132 -5.46 13.39 -0.71
CA LEU A 132 -6.58 13.26 0.21
C LEU A 132 -6.11 12.71 1.55
N VAL A 133 -6.55 13.34 2.65
CA VAL A 133 -6.23 12.91 4.00
C VAL A 133 -7.50 12.95 4.84
N TYR A 134 -7.36 12.68 6.13
CA TYR A 134 -8.47 12.63 7.07
C TYR A 134 -8.23 13.63 8.19
N PHE A 135 -9.14 14.62 8.32
CA PHE A 135 -9.12 15.55 9.49
C PHE A 135 -10.08 15.04 10.58
N TYR A 136 -9.64 15.02 11.83
CA TYR A 136 -10.58 14.63 12.88
C TYR A 136 -10.29 15.29 14.21
N ASN A 137 -11.35 15.48 15.00
CA ASN A 137 -11.17 16.01 16.32
C ASN A 137 -10.88 14.87 17.31
N LYS A 138 -9.60 14.76 17.69
CA LYS A 138 -9.16 13.66 18.54
C LYS A 138 -9.80 13.65 19.94
N ALA A 139 -10.06 14.83 20.48
CA ALA A 139 -10.68 14.92 21.80
C ALA A 139 -12.10 14.33 21.75
N GLU A 140 -12.87 14.71 20.74
CA GLU A 140 -14.23 14.21 20.54
C GLU A 140 -14.28 12.70 20.24
N PHE A 141 -13.28 12.20 19.51
CA PHE A 141 -13.17 10.77 19.27
C PHE A 141 -13.03 10.08 20.59
N GLU A 142 -12.13 10.59 21.44
CA GLU A 142 -11.89 9.98 22.76
C GLU A 142 -13.16 9.89 23.60
N LYS A 143 -13.90 11.00 23.67
CA LYS A 143 -15.19 11.04 24.36
C LYS A 143 -16.14 9.94 23.89
N LEU A 144 -16.07 9.58 22.60
CA LEU A 144 -16.96 8.56 22.03
C LEU A 144 -16.40 7.15 22.17
N GLY A 145 -15.22 7.03 22.76
CA GLY A 145 -14.56 5.73 22.97
C GLY A 145 -13.88 5.24 21.71
N ILE A 146 -13.69 6.13 20.72
CA ILE A 146 -12.96 5.78 19.51
C ILE A 146 -11.46 6.06 19.74
N THR A 147 -10.71 5.01 20.07
CA THR A 147 -9.34 5.20 20.54
C THR A 147 -8.28 5.02 19.45
N GLU A 148 -8.75 4.67 18.25
CA GLU A 148 -7.89 4.38 17.09
C GLU A 148 -8.62 4.95 15.89
N ILE A 149 -7.92 5.41 14.87
CA ILE A 149 -8.62 5.61 13.62
C ILE A 149 -8.87 4.20 13.05
N PRO A 150 -10.14 3.83 12.89
CA PRO A 150 -10.53 2.50 12.42
C PRO A 150 -9.98 2.27 10.98
N GLN A 151 -9.36 1.13 10.72
CA GLN A 151 -8.66 1.01 9.44
C GLN A 151 -9.37 0.27 8.32
N THR A 152 -10.41 -0.48 8.66
CA THR A 152 -11.22 -1.13 7.64
C THR A 152 -12.54 -0.38 7.50
N ALA A 153 -13.17 -0.51 6.34
CA ALA A 153 -14.45 0.15 6.07
C ALA A 153 -15.50 -0.29 7.11
N ASP A 154 -15.56 -1.60 7.40
CA ASP A 154 -16.55 -2.08 8.38
C ASP A 154 -16.35 -1.50 9.77
N GLU A 155 -15.10 -1.44 10.25
CA GLU A 155 -14.80 -0.89 11.59
C GLU A 155 -15.11 0.63 11.60
N PHE A 156 -14.87 1.30 10.48
CA PHE A 156 -15.21 2.74 10.38
C PHE A 156 -16.72 2.97 10.42
N ILE A 157 -17.46 2.25 9.59
CA ILE A 157 -18.91 2.34 9.61
C ILE A 157 -19.52 2.06 11.01
N ALA A 158 -19.06 1.01 11.69
CA ALA A 158 -19.46 0.76 13.09
C ALA A 158 -19.24 2.00 14.01
N ALA A 159 -18.02 2.56 13.94
CA ALA A 159 -17.66 3.79 14.70
C ALA A 159 -18.55 4.96 14.33
N ALA A 160 -18.83 5.12 13.03
CA ALA A 160 -19.67 6.24 12.55
C ALA A 160 -21.13 6.16 13.06
N LYS A 161 -21.68 4.96 13.11
CA LYS A 161 -23.02 4.76 13.71
C LYS A 161 -23.06 5.15 15.20
N THR A 162 -22.02 4.80 15.93
CA THR A 162 -21.87 5.18 17.34
C THR A 162 -21.84 6.68 17.54
N ALA A 163 -21.02 7.39 16.73
CA ALA A 163 -21.00 8.85 16.75
C ALA A 163 -22.37 9.45 16.40
N ALA A 164 -22.99 8.91 15.35
CA ALA A 164 -24.27 9.43 14.83
C ALA A 164 -25.37 9.41 15.91
N ALA A 165 -25.35 8.36 16.72
CA ALA A 165 -26.36 8.19 17.76
C ALA A 165 -26.16 9.23 18.88
N ALA A 166 -24.96 9.79 18.98
CA ALA A 166 -24.68 10.90 19.92
C ALA A 166 -24.75 12.26 19.24
N GLY A 167 -25.35 12.32 18.05
CA GLY A 167 -25.43 13.54 17.27
C GLY A 167 -24.13 14.06 16.66
N LYS A 168 -23.10 13.20 16.57
CA LYS A 168 -21.79 13.58 15.98
C LYS A 168 -21.56 12.88 14.63
N TYR A 169 -20.73 13.45 13.75
CA TYR A 169 -20.44 12.83 12.44
C TYR A 169 -18.93 12.68 12.21
N ILE A 170 -18.46 11.47 11.94
CA ILE A 170 -17.01 11.28 11.70
C ILE A 170 -16.71 11.24 10.18
N MET A 171 -17.74 11.55 9.38
CA MET A 171 -17.57 11.66 7.93
C MET A 171 -18.53 12.72 7.37
N SER A 172 -18.16 13.38 6.27
CA SER A 172 -19.11 14.18 5.50
C SER A 172 -19.19 13.59 4.11
N TYR A 173 -20.39 13.67 3.52
CA TYR A 173 -20.63 13.39 2.13
C TYR A 173 -20.84 14.76 1.48
N GLN A 174 -20.03 15.06 0.48
CA GLN A 174 -19.98 16.37 -0.11
C GLN A 174 -20.40 16.25 -1.55
N PRO A 175 -21.72 16.43 -1.81
CA PRO A 175 -22.18 16.19 -3.16
C PRO A 175 -21.67 17.20 -4.16
N ASP A 176 -21.39 18.42 -3.72
CA ASP A 176 -20.87 19.45 -4.66
C ASP A 176 -19.35 19.24 -5.01
N GLU A 177 -18.71 18.28 -4.32
CA GLU A 177 -17.30 17.95 -4.53
C GLU A 177 -17.10 16.51 -5.00
N ALA A 178 -18.18 15.81 -5.34
CA ALA A 178 -18.04 14.38 -5.72
C ALA A 178 -17.11 14.22 -6.91
N GLY A 179 -17.18 15.15 -7.86
CA GLY A 179 -16.32 15.13 -9.05
C GLY A 179 -14.82 15.17 -8.77
N ASN A 180 -14.43 15.89 -7.76
CA ASN A 180 -13.03 16.11 -7.42
C ASN A 180 -12.59 15.14 -6.32
N MET A 181 -13.44 14.98 -5.31
CA MET A 181 -13.05 14.23 -4.10
C MET A 181 -13.31 12.73 -4.27
N ILE A 182 -14.47 12.39 -4.84
CA ILE A 182 -14.89 11.02 -4.91
C ILE A 182 -14.17 10.33 -6.08
N SER A 183 -13.89 11.08 -7.14
CA SER A 183 -12.97 10.56 -8.20
C SER A 183 -11.56 10.24 -7.65
N GLY A 184 -11.09 11.09 -6.76
CA GLY A 184 -9.74 10.90 -6.19
C GLY A 184 -9.69 9.68 -5.31
N LEU A 185 -10.75 9.51 -4.52
CA LEU A 185 -10.82 8.38 -3.59
C LEU A 185 -10.94 7.05 -4.34
N ALA A 186 -11.83 6.98 -5.32
CA ALA A 186 -11.95 5.81 -6.17
C ALA A 186 -10.67 5.57 -6.98
N GLY A 187 -10.07 6.65 -7.48
CA GLY A 187 -8.91 6.59 -8.37
C GLY A 187 -7.62 6.30 -7.63
N ALA A 188 -7.65 6.34 -6.30
CA ALA A 188 -6.50 5.99 -5.47
C ALA A 188 -6.01 4.56 -5.82
N SER A 189 -6.94 3.70 -6.28
CA SER A 189 -6.61 2.29 -6.54
C SER A 189 -6.55 1.90 -8.02
N GLY A 190 -6.61 2.88 -8.91
CA GLY A 190 -6.50 2.66 -10.34
C GLY A 190 -7.24 3.71 -11.18
N GLY A 191 -6.70 3.97 -12.36
CA GLY A 191 -7.21 4.98 -13.23
C GLY A 191 -8.54 4.58 -13.85
N TRP A 192 -9.25 5.58 -14.34
CA TRP A 192 -10.50 5.43 -15.08
C TRP A 192 -10.32 5.56 -16.60
N TYR A 193 -9.25 6.26 -17.00
CA TYR A 193 -9.01 6.61 -18.41
C TYR A 193 -7.60 6.23 -18.83
N LYS A 194 -7.50 5.57 -19.98
CA LYS A 194 -6.22 5.43 -20.68
C LYS A 194 -6.36 5.46 -22.21
N VAL A 195 -5.31 5.95 -22.88
CA VAL A 195 -5.18 5.81 -24.32
C VAL A 195 -4.64 4.42 -24.65
N LYS A 196 -5.39 3.68 -25.47
CA LYS A 196 -4.86 2.45 -26.09
C LYS A 196 -4.74 2.64 -27.60
N GLY A 197 -3.56 3.01 -28.06
CA GLY A 197 -3.30 3.27 -29.46
C GLY A 197 -4.07 4.45 -30.02
N ASP A 198 -5.07 4.12 -30.82
CA ASP A 198 -5.87 5.06 -31.57
C ASP A 198 -7.08 5.61 -30.79
N SER A 199 -7.30 5.09 -29.57
CA SER A 199 -8.58 5.29 -28.84
C SER A 199 -8.46 5.29 -27.32
N TRP A 200 -9.28 6.14 -26.68
CA TRP A 200 -9.47 6.09 -25.23
C TRP A 200 -10.25 4.86 -24.82
N VAL A 201 -9.91 4.34 -23.65
CA VAL A 201 -10.64 3.26 -23.00
C VAL A 201 -11.10 3.84 -21.67
N VAL A 202 -12.41 3.86 -21.45
CA VAL A 202 -13.03 4.40 -20.24
C VAL A 202 -13.57 3.24 -19.39
N ASN A 203 -13.20 3.23 -18.11
CA ASN A 203 -13.90 2.41 -17.12
C ASN A 203 -13.87 3.12 -15.75
N THR A 204 -14.99 3.77 -15.41
CA THR A 204 -15.11 4.46 -14.13
C THR A 204 -15.77 3.62 -13.03
N GLU A 205 -15.99 2.34 -13.33
CA GLU A 205 -16.60 1.37 -12.42
C GLU A 205 -15.64 0.27 -12.05
N THR A 206 -14.54 0.73 -11.48
CA THR A 206 -13.49 -0.11 -10.97
C THR A 206 -13.86 -0.71 -9.61
N ASP A 207 -13.04 -1.62 -9.10
CA ASP A 207 -13.20 -2.11 -7.72
C ASP A 207 -13.20 -0.94 -6.71
N GLY A 208 -12.36 0.06 -6.96
CA GLY A 208 -12.24 1.29 -6.13
C GLY A 208 -13.53 2.12 -6.14
N SER A 209 -14.11 2.31 -7.31
CA SER A 209 -15.41 2.95 -7.45
C SER A 209 -16.51 2.21 -6.68
N LYS A 210 -16.58 0.90 -6.85
CA LYS A 210 -17.52 0.04 -6.09
C LYS A 210 -17.31 0.07 -4.57
N ALA A 211 -16.04 -0.01 -4.11
CA ALA A 211 -15.71 0.12 -2.69
C ALA A 211 -16.10 1.50 -2.15
N THR A 212 -15.77 2.54 -2.90
CA THR A 212 -16.11 3.91 -2.50
C THR A 212 -17.63 4.15 -2.38
N ALA A 213 -18.36 3.67 -3.36
CA ALA A 213 -19.81 3.76 -3.35
C ALA A 213 -20.41 3.08 -2.16
N ASP A 214 -19.98 1.87 -1.89
CA ASP A 214 -20.49 1.08 -0.80
C ASP A 214 -20.21 1.80 0.51
N PHE A 215 -19.00 2.34 0.68
CA PHE A 215 -18.67 3.09 1.90
C PHE A 215 -19.66 4.25 2.16
N TYR A 216 -19.84 5.16 1.19
CA TYR A 216 -20.71 6.30 1.39
C TYR A 216 -22.18 5.87 1.44
N GLN A 217 -22.55 4.84 0.69
CA GLN A 217 -23.94 4.30 0.74
C GLN A 217 -24.34 3.82 2.11
N GLN A 218 -23.48 3.01 2.74
CA GLN A 218 -23.71 2.52 4.09
C GLN A 218 -23.80 3.69 5.09
N LEU A 219 -22.89 4.68 4.96
CA LEU A 219 -22.94 5.89 5.79
C LEU A 219 -24.24 6.68 5.66
N LEU A 220 -24.65 6.96 4.43
CA LEU A 220 -25.88 7.70 4.17
C LEU A 220 -27.11 6.92 4.68
N ASP A 221 -27.19 5.61 4.40
CA ASP A 221 -28.31 4.78 4.86
C ASP A 221 -28.37 4.78 6.38
N ALA A 222 -27.23 4.87 7.08
CA ALA A 222 -27.23 4.91 8.54
C ALA A 222 -27.34 6.31 9.08
N LYS A 223 -27.49 7.29 8.20
CA LYS A 223 -27.56 8.69 8.66
C LYS A 223 -26.30 9.03 9.45
N ALA A 224 -25.15 8.56 8.96
CA ALA A 224 -23.94 8.67 9.74
C ALA A 224 -22.88 9.53 9.05
N ALA A 225 -23.28 10.26 8.02
CA ALA A 225 -22.43 11.29 7.42
C ALA A 225 -23.25 12.56 7.20
N THR A 226 -22.66 13.73 7.41
CA THR A 226 -23.36 14.97 7.01
C THR A 226 -23.51 14.99 5.50
N THR A 227 -24.51 15.73 5.02
CA THR A 227 -24.79 15.84 3.59
C THR A 227 -24.83 17.29 3.11
N ASN A 228 -24.37 18.22 3.95
CA ASN A 228 -24.23 19.62 3.54
C ASN A 228 -23.18 19.76 2.45
N PRO A 229 -23.51 20.51 1.40
CA PRO A 229 -22.50 20.77 0.36
C PRO A 229 -21.33 21.52 1.00
N ARG A 230 -20.11 21.09 0.65
CA ARG A 230 -18.84 21.60 1.22
C ARG A 230 -18.74 23.14 1.33
N TRP A 231 -19.15 23.81 0.26
CA TRP A 231 -18.99 25.26 0.10
C TRP A 231 -20.21 26.07 0.60
N ASP A 232 -21.20 25.37 1.17
CA ASP A 232 -22.39 26.03 1.76
C ASP A 232 -22.18 26.45 3.18
N PRO A 233 -22.84 27.55 3.59
CA PRO A 233 -22.72 27.92 4.98
C PRO A 233 -23.11 26.79 5.95
N SER A 234 -24.00 25.86 5.57
CA SER A 234 -24.33 24.74 6.50
C SER A 234 -23.11 23.86 6.84
N PHE A 235 -22.14 23.81 5.92
CA PHE A 235 -20.96 23.00 6.21
C PHE A 235 -20.13 23.66 7.31
N ASP A 236 -19.79 24.94 7.13
CA ASP A 236 -19.08 25.63 8.22
C ASP A 236 -19.83 25.51 9.55
N ALA A 237 -21.16 25.66 9.51
CA ALA A 237 -22.00 25.54 10.73
C ALA A 237 -21.81 24.22 11.44
N SER A 238 -21.65 23.13 10.67
CA SER A 238 -21.38 21.80 11.27
C SER A 238 -20.05 21.68 11.99
N ILE A 239 -19.02 22.41 11.52
CA ILE A 239 -17.73 22.41 12.23
C ILE A 239 -17.86 23.31 13.48
N LYS A 240 -18.43 24.51 13.25
CA LYS A 240 -18.63 25.49 14.35
C LYS A 240 -19.46 24.97 15.50
N ASP A 241 -20.57 24.29 15.18
CA ASP A 241 -21.44 23.74 16.23
C ASP A 241 -20.90 22.47 16.87
N GLY A 242 -19.74 22.01 16.40
CA GLY A 242 -19.12 20.82 16.97
C GLY A 242 -19.72 19.48 16.52
N SER A 243 -20.63 19.45 15.56
CA SER A 243 -21.21 18.14 15.19
C SER A 243 -20.32 17.35 14.20
N LEU A 244 -19.72 18.04 13.23
CA LEU A 244 -18.73 17.42 12.33
C LEU A 244 -17.35 17.37 13.00
N ILE A 245 -16.96 16.17 13.38
CA ILE A 245 -15.73 15.93 14.14
C ILE A 245 -14.72 15.03 13.33
N GLY A 246 -15.08 14.67 12.10
CA GLY A 246 -14.16 13.94 11.24
C GLY A 246 -14.59 14.05 9.79
N THR A 247 -13.63 14.13 8.88
CA THR A 247 -13.95 14.11 7.44
C THR A 247 -12.67 13.89 6.59
N VAL A 248 -12.87 13.28 5.43
CA VAL A 248 -11.90 13.31 4.37
C VAL A 248 -11.74 14.80 3.96
N ALA A 249 -10.52 15.18 3.60
CA ALA A 249 -10.26 16.51 3.09
C ALA A 249 -9.07 16.43 2.19
N ALA A 250 -9.08 17.27 1.17
CA ALA A 250 -7.85 17.51 0.41
C ALA A 250 -6.87 18.27 1.31
N ALA A 251 -5.55 18.05 1.15
CA ALA A 251 -4.57 18.66 2.06
C ALA A 251 -4.63 20.18 2.06
N TRP A 252 -4.89 20.79 0.88
CA TRP A 252 -4.95 22.27 0.69
C TRP A 252 -6.15 22.89 1.48
N GLU A 253 -7.05 22.04 1.96
CA GLU A 253 -8.19 22.50 2.79
C GLU A 253 -7.81 23.01 4.15
N ALA A 254 -6.60 22.71 4.64
CA ALA A 254 -6.29 23.02 6.06
C ALA A 254 -6.66 24.47 6.55
N PRO A 255 -6.11 25.54 5.92
CA PRO A 255 -6.47 26.91 6.42
C PRO A 255 -7.93 27.30 6.20
N LEU A 256 -8.53 26.85 5.10
CA LEU A 256 -9.97 26.95 4.83
C LEU A 256 -10.82 26.37 5.96
N PHE A 257 -10.56 25.10 6.27
CA PHE A 257 -11.21 24.37 7.33
C PHE A 257 -11.07 25.11 8.63
N MET A 258 -9.84 25.54 8.96
CA MET A 258 -9.52 26.30 10.17
C MET A 258 -10.35 27.60 10.29
N THR A 259 -10.51 28.30 9.16
CA THR A 259 -11.35 29.51 9.06
C THR A 259 -12.84 29.16 9.22
N SER A 260 -13.28 28.14 8.47
CA SER A 260 -14.67 27.64 8.55
C SER A 260 -15.09 27.25 9.96
N SER A 261 -14.17 26.71 10.74
CA SER A 261 -14.44 26.30 12.12
C SER A 261 -14.80 27.43 13.10
N GLY A 262 -14.23 28.62 12.90
CA GLY A 262 -14.38 29.76 13.81
C GLY A 262 -13.56 29.57 15.05
N GLY A 263 -12.69 28.55 15.05
CA GLY A 263 -11.91 28.19 16.22
C GLY A 263 -12.38 26.96 16.98
N THR A 264 -13.52 26.40 16.61
CA THR A 264 -14.05 25.30 17.39
C THR A 264 -13.13 24.09 17.22
N GLY A 265 -12.75 23.51 18.35
CA GLY A 265 -11.83 22.37 18.37
C GLY A 265 -10.35 22.72 18.32
N SER A 266 -10.01 24.02 18.23
CA SER A 266 -8.59 24.42 18.19
C SER A 266 -7.83 23.75 19.31
N GLY A 267 -6.73 23.09 18.94
CA GLY A 267 -5.95 22.31 19.86
C GLY A 267 -6.31 20.85 19.91
N GLU A 268 -7.39 20.50 19.24
CA GLU A 268 -7.89 19.13 19.31
C GLU A 268 -7.90 18.39 17.96
N TRP A 269 -7.88 19.14 16.87
CA TRP A 269 -7.88 18.58 15.50
C TRP A 269 -6.55 17.90 15.21
N GLN A 270 -6.57 16.91 14.34
CA GLN A 270 -5.39 16.12 13.98
C GLN A 270 -5.59 15.74 12.54
N VAL A 271 -4.50 15.44 11.86
CA VAL A 271 -4.56 14.96 10.51
C VAL A 271 -4.04 13.51 10.59
N ALA A 272 -4.76 12.59 9.93
CA ALA A 272 -4.34 11.20 9.72
C ALA A 272 -4.28 10.88 8.22
N GLN A 273 -3.58 9.82 7.83
CA GLN A 273 -3.78 9.22 6.51
C GLN A 273 -5.18 8.61 6.37
N LEU A 274 -5.71 8.59 5.15
CA LEU A 274 -6.92 7.79 4.88
C LEU A 274 -6.70 6.38 5.35
N GLY A 275 -7.68 5.84 6.04
CA GLY A 275 -7.77 4.39 6.25
C GLY A 275 -8.12 3.68 4.94
N ASP A 276 -8.21 2.36 5.02
CA ASP A 276 -8.51 1.52 3.86
C ASP A 276 -10.02 1.45 3.71
N TRP A 277 -10.64 2.58 3.41
CA TRP A 277 -12.12 2.65 3.42
C TRP A 277 -12.71 2.64 2.03
N PHE A 278 -11.87 2.80 1.01
CA PHE A 278 -12.34 3.09 -0.37
C PHE A 278 -11.79 2.07 -1.36
N GLY A 279 -11.39 0.90 -0.85
CA GLY A 279 -10.67 -0.10 -1.70
C GLY A 279 -9.28 0.42 -2.05
N ASN A 280 -8.78 1.37 -1.27
CA ASN A 280 -7.59 2.09 -1.66
C ASN A 280 -6.29 1.41 -1.26
N ALA A 281 -6.41 0.42 -0.35
CA ALA A 281 -5.28 -0.45 0.05
C ALA A 281 -3.97 0.28 0.27
N GLY A 282 -3.94 1.16 1.24
CA GLY A 282 -2.70 1.90 1.50
C GLY A 282 -2.35 3.10 0.63
N LYS A 283 -3.13 3.38 -0.42
CA LYS A 283 -2.88 4.54 -1.25
C LYS A 283 -3.89 5.66 -0.97
N THR A 284 -3.56 6.89 -1.36
CA THR A 284 -4.54 7.96 -1.37
C THR A 284 -4.64 8.39 -2.82
N GLY A 285 -5.48 9.39 -3.08
CA GLY A 285 -5.69 9.84 -4.44
C GLY A 285 -5.66 11.35 -4.50
N PRO A 286 -5.57 11.90 -5.71
CA PRO A 286 -5.60 13.33 -5.89
C PRO A 286 -7.01 13.95 -5.92
N ASP A 287 -7.10 15.12 -5.29
CA ASP A 287 -8.25 15.98 -5.30
C ASP A 287 -7.69 17.40 -5.55
N GLY A 288 -7.81 17.89 -6.77
CA GLY A 288 -7.26 19.20 -7.06
C GLY A 288 -5.73 19.08 -7.16
N GLY A 289 -5.02 20.20 -6.94
CA GLY A 289 -3.59 20.31 -7.30
C GLY A 289 -3.55 20.97 -8.67
N SER A 290 -2.75 22.02 -8.81
CA SER A 290 -2.80 22.81 -10.02
C SER A 290 -1.41 23.15 -10.56
N ALA A 291 -1.40 23.48 -11.84
CA ALA A 291 -0.25 24.05 -12.48
C ALA A 291 -0.59 25.53 -12.69
N VAL A 292 0.40 26.32 -13.07
CA VAL A 292 0.10 27.58 -13.73
C VAL A 292 0.57 27.45 -15.17
N ALA A 293 -0.33 27.73 -16.12
CA ALA A 293 -0.06 27.55 -17.56
C ALA A 293 0.18 28.89 -18.26
N VAL A 294 0.99 28.85 -19.33
CA VAL A 294 1.15 29.99 -20.25
C VAL A 294 0.15 29.83 -21.40
N LEU A 295 -0.67 30.85 -21.61
CA LEU A 295 -1.79 30.74 -22.53
C LEU A 295 -1.39 31.07 -23.97
N LYS A 296 -2.14 30.49 -24.90
CA LYS A 296 -1.93 30.46 -26.36
C LYS A 296 -1.20 31.66 -26.95
N ASN A 297 -1.69 32.86 -26.66
CA ASN A 297 -1.18 34.08 -27.33
C ASN A 297 -0.39 35.06 -26.46
N SER A 298 0.15 34.57 -25.34
CA SER A 298 1.14 35.35 -24.58
C SER A 298 2.31 35.71 -25.49
N LYS A 299 2.67 36.97 -25.53
CA LYS A 299 3.84 37.43 -26.30
C LYS A 299 5.14 37.31 -25.54
N HIS A 300 5.04 37.05 -24.23
CA HIS A 300 6.22 36.96 -23.37
C HIS A 300 6.38 35.68 -22.54
N PRO A 301 6.37 34.52 -23.24
CA PRO A 301 6.52 33.21 -22.59
C PRO A 301 7.76 33.13 -21.69
N LYS A 302 8.89 33.68 -22.18
CA LYS A 302 10.14 33.51 -21.47
C LYS A 302 10.07 34.20 -20.13
N GLU A 303 9.56 35.44 -20.11
CA GLU A 303 9.53 36.20 -18.84
C GLU A 303 8.38 35.77 -17.95
N ALA A 304 7.27 35.35 -18.56
CA ALA A 304 6.18 34.77 -17.79
C ALA A 304 6.67 33.58 -16.98
N MET A 305 7.45 32.73 -17.63
CA MET A 305 8.03 31.54 -17.02
C MET A 305 9.13 31.85 -16.03
N GLU A 306 9.83 32.96 -16.28
CA GLU A 306 10.87 33.41 -15.36
C GLU A 306 10.23 33.82 -14.03
N PHE A 307 9.19 34.63 -14.14
CA PHE A 307 8.45 35.05 -12.96
C PHE A 307 7.82 33.84 -12.25
N LEU A 308 7.30 32.91 -13.03
CA LEU A 308 6.52 31.78 -12.50
C LEU A 308 7.40 30.85 -11.70
N ASP A 309 8.62 30.61 -12.20
CA ASP A 309 9.58 29.78 -11.46
C ASP A 309 9.92 30.39 -10.10
N TRP A 310 10.09 31.71 -10.08
CA TRP A 310 10.24 32.44 -8.83
C TRP A 310 8.97 32.30 -7.94
N PHE A 311 7.81 32.58 -8.52
CA PHE A 311 6.57 32.55 -7.76
C PHE A 311 6.36 31.17 -7.11
N ASN A 312 6.47 30.13 -7.90
CA ASN A 312 6.18 28.76 -7.44
C ASN A 312 7.27 28.17 -6.56
N THR A 313 8.34 28.94 -6.32
CA THR A 313 9.36 28.56 -5.34
C THR A 313 9.35 29.46 -4.10
N GLN A 314 8.35 30.33 -3.96
CA GLN A 314 8.20 31.05 -2.71
C GLN A 314 7.49 30.18 -1.69
N VAL A 315 8.21 29.18 -1.19
CA VAL A 315 7.57 28.06 -0.49
C VAL A 315 6.74 28.49 0.74
N PRO A 316 7.34 29.23 1.67
CA PRO A 316 6.52 29.61 2.86
C PRO A 316 5.26 30.45 2.52
N ASP A 317 5.33 31.28 1.49
CA ASP A 317 4.20 32.11 1.09
C ASP A 317 3.10 31.26 0.45
N LEU A 318 3.49 30.31 -0.42
CA LEU A 318 2.52 29.32 -0.96
C LEU A 318 1.91 28.47 0.14
N VAL A 319 2.72 27.94 1.05
CA VAL A 319 2.19 27.18 2.17
C VAL A 319 1.14 28.03 2.95
N SER A 320 1.38 29.35 3.10
CA SER A 320 0.36 30.18 3.80
C SER A 320 -1.05 30.09 3.17
N GLN A 321 -1.11 29.88 1.86
CA GLN A 321 -2.34 29.76 1.09
C GLN A 321 -2.96 28.35 1.16
N GLY A 322 -2.33 27.51 1.98
CA GLY A 322 -2.69 26.09 2.15
C GLY A 322 -2.08 25.14 1.15
N LEU A 323 -1.21 25.62 0.27
CA LEU A 323 -0.65 24.73 -0.75
C LEU A 323 0.42 23.78 -0.19
N VAL A 324 0.41 22.59 -0.77
CA VAL A 324 1.49 21.62 -0.59
C VAL A 324 2.38 21.79 -1.84
N PRO A 325 3.42 22.63 -1.72
CA PRO A 325 4.09 23.04 -2.95
C PRO A 325 4.73 21.86 -3.74
N ALA A 326 4.70 21.95 -5.05
CA ALA A 326 5.45 21.03 -5.92
C ALA A 326 6.95 21.33 -5.93
N ALA A 327 7.33 22.53 -5.46
CA ALA A 327 8.73 22.97 -5.45
C ALA A 327 9.55 22.07 -4.55
N THR A 328 10.77 21.73 -4.98
CA THR A 328 11.70 20.95 -4.14
C THR A 328 12.90 21.76 -3.64
N THR A 329 12.85 23.07 -3.85
CA THR A 329 13.93 23.98 -3.55
C THR A 329 14.18 24.20 -2.05
N GLU A 330 13.15 23.98 -1.21
CA GLU A 330 13.29 24.07 0.23
C GLU A 330 12.12 23.29 0.83
N ASP A 331 12.32 22.80 2.05
CA ASP A 331 11.28 22.06 2.72
C ASP A 331 10.13 22.97 3.11
N ALA A 332 8.92 22.52 2.80
CA ALA A 332 7.71 23.18 3.28
C ALA A 332 7.52 22.91 4.76
N GLU A 333 7.10 23.91 5.52
CA GLU A 333 7.00 23.78 6.97
C GLU A 333 5.61 24.15 7.44
N THR A 334 5.14 23.47 8.48
CA THR A 334 3.83 23.77 9.07
C THR A 334 3.84 25.17 9.70
N PRO A 335 2.98 26.09 9.25
CA PRO A 335 2.96 27.34 10.03
C PRO A 335 2.53 27.15 11.49
N SER A 336 3.05 28.03 12.34
CA SER A 336 2.83 27.95 13.79
C SER A 336 1.36 27.94 14.12
N GLU A 337 0.59 28.74 13.39
CA GLU A 337 -0.86 28.85 13.58
C GLU A 337 -1.51 27.48 13.36
N TRP A 338 -1.13 26.82 12.26
CA TRP A 338 -1.70 25.52 11.94
C TRP A 338 -1.38 24.45 13.01
N SER A 339 -0.11 24.27 13.39
CA SER A 339 0.21 23.28 14.41
C SER A 339 -0.56 23.57 15.70
N THR A 340 -0.67 24.83 16.08
CA THR A 340 -1.51 25.21 17.24
C THR A 340 -2.93 24.66 17.11
N PHE A 341 -3.63 25.04 16.04
CA PHE A 341 -4.97 24.54 15.75
C PHE A 341 -5.02 23.02 15.77
N PHE A 342 -4.03 22.37 15.12
CA PHE A 342 -4.03 20.92 15.02
C PHE A 342 -3.27 20.25 16.16
N GLY A 343 -3.51 20.70 17.39
CA GLY A 343 -2.96 20.02 18.59
C GLY A 343 -1.46 19.88 18.70
N GLY A 344 -0.75 20.84 18.12
CA GLY A 344 0.71 20.80 18.05
C GLY A 344 1.29 19.89 16.99
N GLN A 345 0.46 19.38 16.08
CA GLN A 345 0.98 18.40 15.12
C GLN A 345 1.61 19.09 13.90
N ASP A 346 2.72 18.50 13.46
CA ASP A 346 3.40 18.90 12.23
C ASP A 346 2.63 18.28 11.06
N ILE A 347 1.52 18.91 10.69
CA ILE A 347 0.58 18.35 9.70
C ILE A 347 1.20 18.27 8.28
N MET A 348 2.15 19.16 7.97
CA MET A 348 2.88 19.10 6.69
C MET A 348 3.58 17.75 6.49
N LYS A 349 4.09 17.14 7.56
CA LYS A 349 4.67 15.82 7.43
C LYS A 349 3.59 14.80 6.97
N GLU A 350 2.39 14.89 7.54
CA GLU A 350 1.28 14.07 7.05
C GLU A 350 0.99 14.29 5.57
N PHE A 351 1.02 15.55 5.12
CA PHE A 351 0.72 15.87 3.72
C PHE A 351 1.77 15.29 2.76
N LYS A 352 3.01 15.23 3.22
CA LYS A 352 4.13 14.78 2.44
C LYS A 352 4.05 13.26 2.37
N THR A 353 3.70 12.62 3.47
CA THR A 353 3.50 11.19 3.48
C THR A 353 2.37 10.83 2.48
N ALA A 354 1.27 11.58 2.54
CA ALA A 354 0.08 11.31 1.72
C ALA A 354 0.46 11.49 0.26
N ASN A 355 1.10 12.62 -0.06
CA ASN A 355 1.63 12.88 -1.40
C ASN A 355 2.44 11.72 -1.97
N ASN A 356 3.38 11.21 -1.19
CA ASN A 356 4.22 10.08 -1.59
C ASN A 356 3.45 8.78 -1.79
N ASN A 357 2.26 8.67 -1.17
CA ASN A 357 1.41 7.48 -1.32
C ASN A 357 0.23 7.71 -2.29
N MET A 358 0.27 8.82 -3.05
CA MET A 358 -0.85 9.25 -3.88
C MET A 358 -0.78 8.58 -5.24
N GLY A 359 -1.84 7.89 -5.66
CA GLY A 359 -1.80 7.20 -6.95
C GLY A 359 -1.89 8.17 -8.12
N ASP A 360 -1.22 7.86 -9.24
CA ASP A 360 -1.35 8.62 -10.48
C ASP A 360 -2.75 8.46 -11.02
N PHE A 361 -3.27 9.51 -11.65
CA PHE A 361 -4.58 9.52 -12.26
C PHE A 361 -4.58 10.39 -13.52
N THR A 362 -4.67 9.74 -14.68
CA THR A 362 -4.89 10.43 -15.95
C THR A 362 -6.33 10.93 -16.06
N TYR A 363 -6.49 12.20 -16.40
CA TYR A 363 -7.81 12.75 -16.63
C TYR A 363 -8.01 12.94 -18.14
N MET A 364 -9.10 12.35 -18.67
CA MET A 364 -9.52 12.61 -20.05
C MET A 364 -9.75 14.12 -20.28
N PRO A 365 -9.54 14.60 -21.53
CA PRO A 365 -10.05 15.95 -21.85
C PRO A 365 -11.58 15.97 -21.81
N GLY A 366 -12.15 17.00 -21.19
CA GLY A 366 -13.60 17.05 -20.97
C GLY A 366 -14.05 16.60 -19.58
N PHE A 367 -13.09 16.38 -18.67
CA PHE A 367 -13.39 15.86 -17.34
C PHE A 367 -14.27 16.81 -16.55
N SER A 368 -14.24 18.11 -16.88
CA SER A 368 -15.14 19.06 -16.24
C SER A 368 -16.61 18.55 -16.32
N ALA A 369 -17.00 17.99 -17.47
CA ALA A 369 -18.36 17.46 -17.69
C ALA A 369 -18.62 16.23 -16.87
N VAL A 370 -17.62 15.39 -16.70
CA VAL A 370 -17.73 14.20 -15.85
C VAL A 370 -17.88 14.62 -14.40
N ALA A 371 -17.05 15.58 -13.98
CA ALA A 371 -17.14 16.07 -12.62
C ALA A 371 -18.50 16.70 -12.36
N ALA A 372 -19.02 17.44 -13.34
CA ALA A 372 -20.29 18.18 -13.13
C ALA A 372 -21.46 17.21 -12.95
N LYS A 373 -21.44 16.14 -13.75
CA LYS A 373 -22.41 15.06 -13.70
C LYS A 373 -22.30 14.29 -12.40
N MET A 374 -21.07 13.97 -11.98
CA MET A 374 -20.87 13.30 -10.73
C MET A 374 -21.51 14.08 -9.60
N ASN A 375 -21.32 15.41 -9.61
CA ASN A 375 -21.88 16.25 -8.57
C ASN A 375 -23.40 16.17 -8.56
N GLU A 376 -23.99 16.31 -9.74
CA GLU A 376 -25.44 16.23 -9.91
C GLU A 376 -25.99 14.88 -9.39
N THR A 377 -25.46 13.77 -9.90
CA THR A 377 -25.86 12.46 -9.42
C THR A 377 -25.56 12.25 -7.92
N ALA A 378 -24.43 12.74 -7.41
CA ALA A 378 -24.13 12.70 -5.95
C ALA A 378 -25.24 13.33 -5.09
N ALA A 379 -25.75 14.48 -5.53
CA ALA A 379 -26.79 15.17 -4.76
C ALA A 379 -28.10 14.37 -4.73
N LYS A 380 -28.35 13.54 -5.73
CA LYS A 380 -29.58 12.72 -5.72
C LYS A 380 -29.56 11.69 -4.57
N ALA A 381 -28.36 11.37 -4.07
CA ALA A 381 -28.22 10.32 -3.07
C ALA A 381 -28.55 10.75 -1.64
N THR A 382 -28.57 12.06 -1.39
CA THR A 382 -28.77 12.59 -0.04
C THR A 382 -30.18 12.39 0.52
N ASP A 383 -31.19 12.28 -0.34
CA ASP A 383 -32.59 11.99 0.13
C ASP A 383 -33.06 10.59 -0.23
N GLY A 384 -32.12 9.80 -0.73
CA GLY A 384 -32.37 8.44 -1.09
C GLY A 384 -32.99 8.29 -2.45
N SER A 385 -33.11 9.38 -3.23
CA SER A 385 -33.68 9.29 -4.59
C SER A 385 -32.75 8.53 -5.52
N GLY A 386 -31.44 8.70 -5.30
CA GLY A 386 -30.44 7.99 -6.09
C GLY A 386 -29.52 7.14 -5.19
N LYS A 387 -28.81 6.19 -5.79
CA LYS A 387 -27.77 5.43 -5.09
C LYS A 387 -26.42 6.11 -5.35
N VAL A 388 -25.53 6.04 -4.38
CA VAL A 388 -24.13 6.46 -4.53
C VAL A 388 -23.49 5.81 -5.75
N ALA A 389 -23.81 4.54 -5.99
CA ALA A 389 -23.18 3.83 -7.09
C ALA A 389 -23.44 4.49 -8.44
N ASP A 390 -24.59 5.18 -8.54
CA ASP A 390 -25.06 5.76 -9.79
C ASP A 390 -24.08 6.85 -10.20
N ILE A 391 -23.32 7.38 -9.23
CA ILE A 391 -22.27 8.42 -9.51
C ILE A 391 -21.35 7.87 -10.60
N PHE A 392 -20.91 6.62 -10.41
CA PHE A 392 -19.91 6.00 -11.27
C PHE A 392 -20.49 5.49 -12.59
N SER A 393 -21.72 4.96 -12.57
CA SER A 393 -22.37 4.56 -13.83
C SER A 393 -22.70 5.75 -14.73
N ASP A 394 -23.13 6.87 -14.13
CA ASP A 394 -23.35 8.11 -14.90
C ASP A 394 -22.07 8.73 -15.46
N ALA A 395 -21.01 8.68 -14.64
CA ALA A 395 -19.70 9.19 -15.05
C ALA A 395 -19.17 8.40 -16.26
N GLN A 396 -19.44 7.11 -16.29
CA GLN A 396 -18.99 6.25 -17.37
C GLN A 396 -19.60 6.75 -18.67
N THR A 397 -20.93 6.95 -18.65
CA THR A 397 -21.66 7.42 -19.84
C THR A 397 -21.25 8.83 -20.23
N THR A 398 -21.22 9.77 -19.28
CA THR A 398 -20.76 11.14 -19.56
C THR A 398 -19.30 11.19 -20.09
N SER A 399 -18.41 10.37 -19.53
CA SER A 399 -17.03 10.28 -19.98
C SER A 399 -17.02 9.87 -21.46
N VAL A 400 -17.68 8.76 -21.79
CA VAL A 400 -17.69 8.30 -23.20
C VAL A 400 -18.29 9.37 -24.15
N ASP A 401 -19.41 9.96 -23.76
CA ASP A 401 -20.10 10.95 -24.60
C ASP A 401 -19.29 12.21 -24.78
N THR A 402 -18.61 12.63 -23.71
CA THR A 402 -17.84 13.86 -23.77
C THR A 402 -16.63 13.72 -24.70
N LEU A 403 -15.95 12.57 -24.66
CA LEU A 403 -14.81 12.26 -25.53
C LEU A 403 -15.24 12.27 -27.01
N LYS A 404 -16.40 11.67 -27.28
CA LYS A 404 -16.98 11.67 -28.60
C LYS A 404 -17.40 13.07 -29.06
N ASN A 405 -17.91 13.88 -28.13
CA ASN A 405 -18.23 15.28 -28.43
C ASN A 405 -16.98 16.10 -28.79
N PHE A 406 -15.84 15.76 -28.18
CA PHE A 406 -14.52 16.37 -28.48
C PHE A 406 -13.98 15.84 -29.80
N GLY A 407 -14.70 14.87 -30.40
CA GLY A 407 -14.30 14.29 -31.67
C GLY A 407 -13.20 13.27 -31.50
N LEU A 408 -13.05 12.75 -30.28
CA LEU A 408 -12.02 11.77 -29.97
C LEU A 408 -12.56 10.37 -30.01
N SER A 409 -11.73 9.44 -30.40
CA SER A 409 -12.12 8.04 -30.51
C SER A 409 -12.18 7.37 -29.15
N VAL A 410 -13.24 6.59 -28.92
CA VAL A 410 -13.41 5.80 -27.70
C VAL A 410 -13.64 4.36 -28.10
N SER A 411 -12.88 3.46 -27.48
CA SER A 411 -12.91 2.02 -27.79
C SER A 411 -14.31 1.39 -27.89
N THR B 10 46.73 -22.95 21.34
CA THR B 10 45.37 -22.34 21.61
C THR B 10 44.36 -22.48 20.45
N ASP B 11 44.86 -22.59 19.21
CA ASP B 11 44.01 -22.76 18.01
C ASP B 11 43.36 -24.15 17.94
N ASP B 12 42.28 -24.28 17.16
CA ASP B 12 41.68 -25.58 16.91
C ASP B 12 42.70 -26.49 16.23
N GLY B 13 42.41 -27.80 16.31
CA GLY B 13 43.05 -28.81 15.50
C GLY B 13 42.84 -28.56 14.01
N GLY B 14 43.69 -29.19 13.19
CA GLY B 14 43.67 -29.04 11.73
C GLY B 14 42.32 -29.09 11.04
N VAL B 15 41.50 -30.05 11.48
CA VAL B 15 40.18 -30.34 10.92
C VAL B 15 39.14 -30.17 12.02
N VAL B 16 38.28 -29.15 11.86
CA VAL B 16 37.05 -28.99 12.65
C VAL B 16 35.91 -29.65 11.85
N ASN B 17 35.06 -30.43 12.53
CA ASN B 17 33.87 -31.05 11.89
C ASN B 17 32.59 -30.41 12.43
N ILE B 18 31.77 -29.97 11.49
CA ILE B 18 30.56 -29.22 11.74
C ILE B 18 29.36 -30.01 11.24
N THR B 19 28.25 -29.94 11.96
CA THR B 19 27.03 -30.61 11.50
C THR B 19 25.94 -29.60 11.38
N TYR B 20 25.10 -29.80 10.35
CA TYR B 20 24.04 -28.89 9.96
C TYR B 20 22.78 -29.70 9.69
N MET B 21 21.76 -29.48 10.50
CA MET B 21 20.46 -30.07 10.21
C MET B 21 19.56 -29.08 9.51
N HIS B 22 18.93 -29.51 8.43
CA HIS B 22 18.06 -28.61 7.63
C HIS B 22 16.76 -29.31 7.24
N ARG B 23 15.79 -28.53 6.78
CA ARG B 23 14.57 -29.06 6.23
C ARG B 23 14.23 -28.39 4.90
N LEU B 24 15.27 -28.16 4.12
CA LEU B 24 15.14 -27.81 2.70
C LEU B 24 14.64 -29.00 1.87
N PRO B 25 13.84 -28.72 0.83
CA PRO B 25 13.14 -29.76 0.09
C PRO B 25 14.04 -30.81 -0.55
N ASP B 26 15.19 -30.42 -1.10
CA ASP B 26 16.04 -31.34 -1.89
C ASP B 26 15.24 -32.21 -2.85
N SER B 27 14.37 -31.59 -3.65
CA SER B 27 13.62 -32.35 -4.66
C SER B 27 14.46 -32.56 -5.93
N GLU B 28 14.09 -33.58 -6.72
CA GLU B 28 14.76 -33.84 -7.98
C GLU B 28 14.86 -32.56 -8.83
N GLY B 29 16.09 -32.29 -9.30
CA GLY B 29 16.37 -31.13 -10.10
C GLY B 29 16.96 -29.95 -9.36
N MET B 30 16.77 -29.89 -8.03
CA MET B 30 17.40 -28.84 -7.23
C MET B 30 18.85 -29.13 -7.04
N THR B 31 19.61 -28.09 -6.70
CA THR B 31 20.97 -28.25 -6.28
C THR B 31 20.89 -28.71 -4.83
N LEU B 32 21.23 -29.97 -4.60
CA LEU B 32 20.94 -30.58 -3.33
C LEU B 32 21.86 -30.04 -2.24
N VAL B 33 21.40 -29.98 -1.00
CA VAL B 33 22.23 -29.48 0.09
C VAL B 33 23.60 -30.19 0.16
N ASN B 34 23.60 -31.52 0.00
CA ASN B 34 24.85 -32.24 0.10
C ASN B 34 25.83 -31.84 -1.00
N ASP B 35 25.32 -31.53 -2.18
CA ASP B 35 26.12 -31.02 -3.27
C ASP B 35 26.69 -29.61 -3.05
N ILE B 36 25.92 -28.75 -2.38
CA ILE B 36 26.42 -27.43 -2.05
C ILE B 36 27.52 -27.57 -1.00
N VAL B 37 27.26 -28.41 0.01
CA VAL B 37 28.21 -28.60 1.11
C VAL B 37 29.50 -29.21 0.55
N ALA B 38 29.38 -30.13 -0.41
CA ALA B 38 30.54 -30.76 -1.05
C ALA B 38 31.51 -29.75 -1.69
N LYS B 39 30.99 -28.66 -2.28
CA LYS B 39 31.86 -27.59 -2.81
C LYS B 39 32.66 -26.94 -1.70
N TRP B 40 32.01 -26.66 -0.56
CA TRP B 40 32.68 -26.08 0.58
C TRP B 40 33.77 -27.03 1.07
N ASN B 41 33.40 -28.30 1.23
CA ASN B 41 34.32 -29.33 1.76
C ASN B 41 35.60 -29.49 0.92
N LYS B 42 35.46 -29.52 -0.40
CA LYS B 42 36.61 -29.49 -1.30
C LYS B 42 37.56 -28.28 -1.07
N GLN B 43 37.02 -27.07 -0.82
CA GLN B 43 37.84 -25.86 -0.62
C GLN B 43 38.38 -25.80 0.78
N HIS B 44 37.70 -26.46 1.72
CA HIS B 44 38.05 -26.29 3.14
C HIS B 44 38.28 -27.57 3.93
N PRO B 45 39.47 -28.19 3.73
CA PRO B 45 39.75 -29.36 4.54
C PRO B 45 39.82 -29.01 6.02
N ASP B 46 39.96 -27.72 6.33
CA ASP B 46 40.12 -27.28 7.72
C ASP B 46 38.77 -27.21 8.46
N ILE B 47 37.67 -27.23 7.69
CA ILE B 47 36.31 -27.07 8.24
C ILE B 47 35.40 -27.99 7.41
N GLN B 48 35.25 -29.24 7.86
CA GLN B 48 34.43 -30.20 7.13
C GLN B 48 32.99 -30.23 7.63
N VAL B 49 32.05 -30.27 6.70
CA VAL B 49 30.65 -30.13 7.05
C VAL B 49 29.85 -31.38 6.64
N LYS B 50 28.99 -31.84 7.53
CA LYS B 50 28.06 -32.90 7.18
C LYS B 50 26.68 -32.30 7.40
N ALA B 51 25.88 -32.30 6.34
CA ALA B 51 24.49 -31.80 6.45
C ALA B 51 23.47 -32.92 6.33
N THR B 52 22.40 -32.81 7.10
CA THR B 52 21.36 -33.83 7.11
C THR B 52 19.99 -33.21 7.01
N LYS B 53 19.16 -33.77 6.12
CA LYS B 53 17.72 -33.42 6.02
C LYS B 53 16.85 -34.14 7.10
N PHE B 54 16.20 -33.35 7.93
CA PHE B 54 15.22 -33.82 8.90
C PHE B 54 14.19 -34.75 8.25
N ASP B 55 14.01 -35.92 8.86
CA ASP B 55 13.10 -36.95 8.32
C ASP B 55 11.60 -36.71 8.48
N GLY B 56 11.21 -35.82 9.35
CA GLY B 56 9.80 -35.71 9.68
C GLY B 56 9.13 -34.47 9.09
N LYS B 57 8.00 -34.11 9.67
CA LYS B 57 7.16 -32.99 9.20
C LYS B 57 7.82 -31.71 9.68
N ALA B 58 7.77 -30.64 8.89
CA ALA B 58 8.54 -29.43 9.16
C ALA B 58 8.39 -28.94 10.58
N SER B 59 7.15 -28.93 11.08
CA SER B 59 6.87 -28.35 12.41
C SER B 59 7.41 -29.18 13.56
N ASP B 60 7.78 -30.42 13.28
CA ASP B 60 8.36 -31.29 14.30
C ASP B 60 9.89 -31.15 14.45
N MET B 61 10.51 -30.40 13.55
CA MET B 61 11.96 -30.28 13.62
C MET B 61 12.47 -29.70 14.93
N ILE B 62 11.87 -28.60 15.40
CA ILE B 62 12.32 -27.98 16.64
C ILE B 62 12.05 -28.84 17.88
N LYS B 63 11.13 -29.81 17.75
CA LYS B 63 10.86 -30.80 18.80
C LYS B 63 12.00 -31.78 18.84
N LYS B 64 12.43 -32.25 17.66
CA LYS B 64 13.62 -33.13 17.61
C LYS B 64 14.88 -32.43 18.09
N LEU B 65 15.06 -31.15 17.72
CA LEU B 65 16.18 -30.33 18.18
C LEU B 65 16.25 -30.15 19.71
N GLU B 66 15.11 -29.90 20.34
CA GLU B 66 15.06 -29.75 21.79
C GLU B 66 15.52 -31.06 22.44
N THR B 67 15.03 -32.17 21.93
CA THR B 67 15.44 -33.49 22.39
C THR B 67 16.94 -33.78 22.19
N ASP B 68 17.48 -33.40 21.04
CA ASP B 68 18.91 -33.56 20.75
C ASP B 68 19.80 -32.72 21.66
N VAL B 69 19.42 -31.45 21.90
CA VAL B 69 20.18 -30.55 22.79
C VAL B 69 20.23 -31.13 24.22
N LYS B 70 19.08 -31.61 24.72
CA LYS B 70 18.98 -32.26 26.05
C LYS B 70 19.92 -33.47 26.22
N SER B 71 19.92 -34.36 25.23
CA SER B 71 20.73 -35.57 25.26
C SER B 71 22.18 -35.36 24.78
N GLY B 72 22.49 -34.14 24.36
CA GLY B 72 23.84 -33.81 23.93
C GLY B 72 24.22 -34.47 22.62
N GLU B 73 23.22 -34.61 21.74
CA GLU B 73 23.43 -35.13 20.38
C GLU B 73 22.99 -34.15 19.30
N ALA B 74 23.05 -32.86 19.61
CA ALA B 74 22.58 -31.83 18.69
C ALA B 74 23.60 -31.50 17.60
N PRO B 75 23.13 -31.06 16.42
CA PRO B 75 24.12 -30.51 15.48
C PRO B 75 24.64 -29.18 15.93
N ASP B 76 25.76 -28.76 15.34
CA ASP B 76 26.22 -27.40 15.51
C ASP B 76 25.22 -26.37 15.03
N LEU B 77 24.63 -26.64 13.86
CA LEU B 77 23.80 -25.67 13.12
C LEU B 77 22.44 -26.30 12.84
N ALA B 78 21.35 -25.52 12.90
CA ALA B 78 20.08 -26.08 12.54
C ALA B 78 19.13 -25.02 12.03
N GLN B 79 18.41 -25.36 10.98
CA GLN B 79 17.33 -24.52 10.47
C GLN B 79 16.28 -24.26 11.56
N VAL B 80 15.88 -22.99 11.74
CA VAL B 80 14.93 -22.54 12.76
C VAL B 80 14.16 -21.39 12.08
N GLY B 81 12.85 -21.56 11.93
CA GLY B 81 12.05 -20.51 11.30
C GLY B 81 12.18 -19.30 12.19
N TYR B 82 12.08 -18.11 11.60
CA TYR B 82 11.95 -16.88 12.39
C TYR B 82 10.81 -16.98 13.42
N ALA B 83 9.70 -17.58 13.02
CA ALA B 83 8.56 -17.83 13.94
C ALA B 83 8.87 -18.78 15.11
N GLU B 84 9.86 -19.65 14.92
CA GLU B 84 10.32 -20.65 15.91
C GLU B 84 11.43 -20.17 16.83
N LEU B 85 12.18 -19.16 16.38
CA LEU B 85 13.32 -18.64 17.12
C LEU B 85 12.99 -18.20 18.57
N PRO B 86 11.98 -17.31 18.78
CA PRO B 86 11.66 -16.99 20.18
C PRO B 86 11.34 -18.20 21.06
N GLU B 87 10.74 -19.23 20.49
CA GLU B 87 10.46 -20.45 21.20
C GLU B 87 11.71 -21.21 21.60
N VAL B 88 12.60 -21.49 20.64
CA VAL B 88 13.81 -22.25 20.93
C VAL B 88 14.80 -21.42 21.76
N PHE B 89 14.79 -20.09 21.60
CA PHE B 89 15.59 -19.25 22.46
C PHE B 89 15.17 -19.36 23.93
N THR B 90 13.87 -19.22 24.18
CA THR B 90 13.29 -19.26 25.53
C THR B 90 13.51 -20.61 26.18
N LYS B 91 13.64 -21.65 25.36
CA LYS B 91 13.96 -22.98 25.85
C LYS B 91 15.45 -23.21 26.12
N GLY B 92 16.26 -22.20 25.77
CA GLY B 92 17.72 -22.24 25.99
C GLY B 92 18.48 -23.15 25.03
N LEU B 93 18.00 -23.31 23.80
CA LEU B 93 18.64 -24.23 22.84
C LEU B 93 19.67 -23.56 21.95
N LEU B 94 19.80 -22.25 22.06
CA LEU B 94 20.63 -21.42 21.16
C LEU B 94 21.93 -20.92 21.83
N GLN B 95 22.96 -20.64 21.01
CA GLN B 95 24.21 -20.08 21.52
C GLN B 95 24.36 -18.66 20.99
N ASP B 96 24.66 -17.74 21.91
CA ASP B 96 24.96 -16.32 21.59
C ASP B 96 26.20 -16.30 20.73
N VAL B 97 26.03 -15.90 19.47
CA VAL B 97 27.15 -15.81 18.52
C VAL B 97 27.30 -14.39 17.97
N THR B 98 26.99 -13.38 18.78
CA THR B 98 26.96 -11.97 18.36
C THR B 98 28.32 -11.57 17.78
N GLN B 99 29.38 -12.08 18.40
CA GLN B 99 30.73 -11.64 18.05
C GLN B 99 31.18 -12.10 16.66
N TYR B 100 30.60 -13.22 16.19
CA TYR B 100 30.78 -13.77 14.83
C TYR B 100 29.79 -13.22 13.82
N ALA B 101 28.50 -13.13 14.20
CA ALA B 101 27.46 -12.61 13.30
C ALA B 101 27.80 -11.21 12.82
N GLU B 102 28.35 -10.40 13.70
CA GLU B 102 28.69 -9.00 13.42
C GLU B 102 29.57 -8.85 12.17
N GLN B 103 30.39 -9.85 11.90
CA GLN B 103 31.28 -9.90 10.73
C GLN B 103 30.55 -10.14 9.43
N TYR B 104 29.40 -10.80 9.49
CA TYR B 104 28.72 -11.19 8.27
C TYR B 104 27.48 -10.39 7.94
N LYS B 105 27.18 -9.40 8.78
CA LYS B 105 25.90 -8.77 8.83
C LYS B 105 25.61 -8.04 7.55
N ASN B 106 26.66 -7.54 6.90
CA ASN B 106 26.49 -6.75 5.68
C ASN B 106 26.21 -7.62 4.44
N ASP B 107 26.28 -8.94 4.60
CA ASP B 107 25.92 -9.88 3.53
C ASP B 107 24.40 -10.08 3.40
N PHE B 108 23.62 -9.52 4.33
CA PHE B 108 22.21 -9.89 4.44
C PHE B 108 21.32 -8.67 4.56
N ALA B 109 20.08 -8.80 4.12
CA ALA B 109 19.06 -7.75 4.33
C ALA B 109 18.86 -7.46 5.81
N SER B 110 18.58 -6.20 6.15
CA SER B 110 18.57 -5.75 7.54
C SER B 110 17.43 -6.35 8.35
N GLY B 111 16.26 -6.42 7.73
CA GLY B 111 15.09 -7.06 8.31
C GLY B 111 15.32 -8.51 8.70
N PRO B 112 15.65 -9.38 7.72
CA PRO B 112 15.97 -10.75 8.10
C PRO B 112 17.06 -10.84 9.13
N TYR B 113 18.06 -9.94 9.07
CA TYR B 113 19.14 -9.99 10.05
C TYR B 113 18.65 -9.64 11.46
N SER B 114 17.73 -8.67 11.59
CA SER B 114 17.13 -8.41 12.93
C SER B 114 16.37 -9.63 13.51
N LEU B 115 15.91 -10.52 12.64
CA LEU B 115 15.13 -11.67 13.10
C LEU B 115 15.96 -12.81 13.70
N VAL B 116 17.29 -12.72 13.62
CA VAL B 116 18.14 -13.71 14.31
C VAL B 116 18.64 -13.19 15.67
N GLN B 117 18.16 -12.01 16.06
CA GLN B 117 18.55 -11.39 17.33
C GLN B 117 17.41 -11.43 18.36
N VAL B 118 17.82 -11.64 19.61
CA VAL B 118 16.99 -11.43 20.80
C VAL B 118 17.76 -10.57 21.78
N GLY B 119 17.20 -9.40 22.08
CA GLY B 119 17.78 -8.51 23.06
C GLY B 119 19.18 -8.10 22.69
N GLY B 120 19.35 -7.70 21.43
CA GLY B 120 20.65 -7.23 20.95
C GLY B 120 21.71 -8.28 20.70
N LYS B 121 21.40 -9.56 20.93
CA LYS B 121 22.31 -10.69 20.69
C LYS B 121 21.88 -11.56 19.50
N ALA B 122 22.87 -12.00 18.70
CA ALA B 122 22.64 -12.80 17.50
C ALA B 122 22.81 -14.29 17.78
N TYR B 123 21.91 -15.10 17.22
CA TYR B 123 21.91 -16.54 17.45
C TYR B 123 22.21 -17.39 16.19
N GLY B 124 22.61 -16.72 15.10
CA GLY B 124 22.79 -17.38 13.79
C GLY B 124 22.72 -16.37 12.66
N LEU B 125 22.37 -16.84 11.47
CA LEU B 125 22.29 -15.97 10.32
C LEU B 125 21.03 -16.28 9.54
N PRO B 126 20.40 -15.24 8.98
CA PRO B 126 19.18 -15.38 8.23
C PRO B 126 19.41 -16.13 6.92
N GLN B 127 18.45 -16.93 6.49
CA GLN B 127 18.59 -17.66 5.23
C GLN B 127 17.64 -17.23 4.12
N ASP B 128 16.35 -17.12 4.42
CA ASP B 128 15.37 -16.81 3.36
C ASP B 128 14.19 -16.04 3.98
N THR B 129 13.25 -15.56 3.15
CA THR B 129 12.05 -14.91 3.69
C THR B 129 10.84 -15.54 2.99
N GLY B 130 9.66 -15.42 3.59
CA GLY B 130 8.50 -16.12 3.06
C GLY B 130 7.32 -15.23 2.84
N PRO B 131 7.47 -14.18 1.98
CA PRO B 131 6.32 -13.30 1.74
C PRO B 131 5.18 -14.04 1.03
N LEU B 132 3.95 -13.73 1.40
CA LEU B 132 2.79 -14.32 0.75
C LEU B 132 2.40 -13.61 -0.55
N VAL B 133 2.12 -14.43 -1.59
CA VAL B 133 1.80 -13.89 -2.93
C VAL B 133 0.60 -14.63 -3.49
N TYR B 134 0.24 -14.35 -4.74
CA TYR B 134 -0.89 -15.01 -5.35
C TYR B 134 -0.43 -15.73 -6.62
N PHE B 135 -0.69 -17.07 -6.71
CA PHE B 135 -0.32 -17.83 -7.94
C PHE B 135 -1.60 -18.01 -8.70
N TYR B 136 -1.61 -17.72 -10.00
CA TYR B 136 -2.86 -17.91 -10.78
C TYR B 136 -2.59 -18.28 -12.24
N ASN B 137 -3.58 -18.94 -12.85
CA ASN B 137 -3.43 -19.31 -14.25
C ASN B 137 -4.17 -18.24 -15.03
N LYS B 138 -3.40 -17.35 -15.65
CA LYS B 138 -3.96 -16.16 -16.32
C LYS B 138 -4.75 -16.56 -17.58
N ALA B 139 -4.33 -17.62 -18.27
CA ALA B 139 -5.12 -18.15 -19.39
C ALA B 139 -6.50 -18.59 -18.94
N GLU B 140 -6.55 -19.29 -17.80
CA GLU B 140 -7.82 -19.76 -17.30
C GLU B 140 -8.72 -18.62 -16.78
N PHE B 141 -8.11 -17.54 -16.25
CA PHE B 141 -8.88 -16.36 -15.79
C PHE B 141 -9.55 -15.68 -17.01
N GLU B 142 -8.78 -15.49 -18.08
CA GLU B 142 -9.26 -14.97 -19.38
C GLU B 142 -10.47 -15.70 -19.96
N LYS B 143 -10.45 -17.04 -19.97
CA LYS B 143 -11.62 -17.83 -20.38
C LYS B 143 -12.88 -17.52 -19.56
N LEU B 144 -12.71 -17.15 -18.29
CA LEU B 144 -13.86 -16.85 -17.43
C LEU B 144 -14.32 -15.37 -17.50
N GLY B 145 -13.57 -14.57 -18.23
CA GLY B 145 -13.83 -13.11 -18.32
C GLY B 145 -13.28 -12.30 -17.15
N ILE B 146 -12.26 -12.85 -16.48
CA ILE B 146 -11.58 -12.18 -15.37
C ILE B 146 -10.26 -11.61 -15.88
N THR B 147 -10.36 -10.36 -16.34
CA THR B 147 -9.30 -9.71 -17.07
C THR B 147 -8.27 -9.08 -16.18
N GLU B 148 -8.67 -8.78 -14.95
CA GLU B 148 -7.74 -8.25 -13.96
C GLU B 148 -8.05 -9.01 -12.69
N ILE B 149 -7.04 -9.22 -11.87
CA ILE B 149 -7.24 -9.82 -10.60
C ILE B 149 -8.00 -8.79 -9.75
N PRO B 150 -9.15 -9.19 -9.22
CA PRO B 150 -9.97 -8.32 -8.39
C PRO B 150 -9.21 -7.91 -7.13
N GLN B 151 -9.28 -6.62 -6.80
CA GLN B 151 -8.40 -6.04 -5.79
C GLN B 151 -9.01 -5.91 -4.38
N THR B 152 -10.32 -6.09 -4.26
CA THR B 152 -11.03 -6.00 -2.97
C THR B 152 -11.66 -7.33 -2.67
N ALA B 153 -11.95 -7.58 -1.40
CA ALA B 153 -12.56 -8.86 -0.98
C ALA B 153 -13.86 -9.12 -1.71
N ASP B 154 -14.71 -8.11 -1.85
CA ASP B 154 -16.02 -8.33 -2.43
C ASP B 154 -15.95 -8.62 -3.93
N GLU B 155 -15.07 -7.95 -4.65
CA GLU B 155 -14.95 -8.24 -6.08
C GLU B 155 -14.27 -9.58 -6.38
N PHE B 156 -13.34 -9.98 -5.51
CA PHE B 156 -12.72 -11.29 -5.63
C PHE B 156 -13.72 -12.41 -5.31
N ILE B 157 -14.53 -12.21 -4.28
CA ILE B 157 -15.50 -13.20 -3.88
C ILE B 157 -16.54 -13.39 -5.00
N ALA B 158 -16.89 -12.28 -5.67
CA ALA B 158 -17.84 -12.31 -6.79
C ALA B 158 -17.24 -13.07 -7.99
N ALA B 159 -15.95 -12.86 -8.27
CA ALA B 159 -15.24 -13.54 -9.34
C ALA B 159 -15.08 -15.02 -9.03
N ALA B 160 -14.89 -15.34 -7.74
CA ALA B 160 -14.71 -16.74 -7.30
C ALA B 160 -15.97 -17.58 -7.52
N LYS B 161 -17.12 -16.99 -7.20
CA LYS B 161 -18.43 -17.55 -7.52
C LYS B 161 -18.60 -17.82 -9.01
N THR B 162 -18.22 -16.88 -9.88
CA THR B 162 -18.34 -17.16 -11.32
C THR B 162 -17.45 -18.35 -11.71
N ALA B 163 -16.21 -18.37 -11.21
CA ALA B 163 -15.28 -19.46 -11.48
C ALA B 163 -15.86 -20.76 -10.95
N ALA B 164 -16.35 -20.78 -9.70
CA ALA B 164 -16.88 -22.05 -9.11
C ALA B 164 -18.07 -22.65 -9.93
N ALA B 165 -18.88 -21.78 -10.52
CA ALA B 165 -19.97 -22.19 -11.46
C ALA B 165 -19.41 -22.94 -12.69
N ALA B 166 -18.23 -22.56 -13.16
CA ALA B 166 -17.59 -23.26 -14.30
C ALA B 166 -16.61 -24.38 -13.86
N GLY B 167 -16.71 -24.78 -12.59
CA GLY B 167 -15.93 -25.89 -12.02
C GLY B 167 -14.47 -25.53 -11.78
N LYS B 168 -14.20 -24.23 -11.65
CA LYS B 168 -12.87 -23.69 -11.40
C LYS B 168 -12.81 -22.97 -10.05
N TYR B 169 -11.62 -22.92 -9.43
CA TYR B 169 -11.44 -22.35 -8.08
C TYR B 169 -10.27 -21.43 -8.13
N ILE B 170 -10.53 -20.15 -7.80
CA ILE B 170 -9.47 -19.14 -7.80
C ILE B 170 -8.87 -18.93 -6.38
N MET B 171 -9.30 -19.77 -5.45
CA MET B 171 -8.75 -19.79 -4.11
C MET B 171 -8.74 -21.18 -3.57
N SER B 172 -7.78 -21.47 -2.72
CA SER B 172 -7.81 -22.68 -1.89
C SER B 172 -7.89 -22.29 -0.41
N TYR B 173 -8.55 -23.13 0.38
CA TYR B 173 -8.56 -23.01 1.83
C TYR B 173 -7.72 -24.23 2.34
N GLN B 174 -6.61 -23.93 3.03
CA GLN B 174 -5.63 -24.93 3.42
C GLN B 174 -5.60 -25.08 4.93
N PRO B 175 -6.47 -25.95 5.48
CA PRO B 175 -6.55 -26.10 6.91
C PRO B 175 -5.28 -26.60 7.54
N ASP B 176 -4.49 -27.41 6.84
CA ASP B 176 -3.23 -27.89 7.41
C ASP B 176 -2.15 -26.81 7.47
N GLU B 177 -2.39 -25.68 6.80
CA GLU B 177 -1.42 -24.58 6.83
C GLU B 177 -1.95 -23.33 7.55
N ALA B 178 -3.11 -23.43 8.22
CA ALA B 178 -3.69 -22.23 8.85
C ALA B 178 -2.72 -21.50 9.80
N GLY B 179 -2.03 -22.25 10.67
CA GLY B 179 -1.08 -21.64 11.62
C GLY B 179 0.02 -20.80 10.97
N ASN B 180 0.43 -21.17 9.76
CA ASN B 180 1.50 -20.42 9.05
C ASN B 180 0.98 -19.38 8.05
N MET B 181 0.01 -19.77 7.23
CA MET B 181 -0.46 -18.96 6.13
C MET B 181 -1.49 -17.96 6.62
N ILE B 182 -2.46 -18.45 7.39
CA ILE B 182 -3.54 -17.60 7.89
C ILE B 182 -3.07 -16.61 8.97
N SER B 183 -2.13 -16.98 9.85
CA SER B 183 -1.45 -16.01 10.71
C SER B 183 -0.76 -14.89 9.92
N GLY B 184 -0.09 -15.25 8.81
CA GLY B 184 0.66 -14.22 8.02
C GLY B 184 -0.30 -13.28 7.32
N LEU B 185 -1.42 -13.84 6.85
CA LEU B 185 -2.47 -13.00 6.20
C LEU B 185 -3.18 -12.03 7.14
N ALA B 186 -3.60 -12.54 8.30
CA ALA B 186 -4.27 -11.70 9.31
C ALA B 186 -3.21 -10.77 9.87
N GLY B 187 -2.02 -11.32 10.12
CA GLY B 187 -0.84 -10.59 10.57
C GLY B 187 -0.32 -9.47 9.69
N ALA B 188 -0.60 -9.49 8.38
CA ALA B 188 -0.19 -8.40 7.46
C ALA B 188 -0.55 -6.97 7.92
N SER B 189 -1.65 -6.84 8.65
CA SER B 189 -2.10 -5.51 9.05
C SER B 189 -1.87 -5.19 10.54
N GLY B 190 -1.16 -6.05 11.27
CA GLY B 190 -0.77 -5.71 12.66
C GLY B 190 -0.55 -6.95 13.49
N GLY B 191 0.21 -6.81 14.58
CA GLY B 191 0.60 -7.93 15.36
C GLY B 191 -0.45 -8.50 16.29
N TRP B 192 -0.17 -9.70 16.76
CA TRP B 192 -0.99 -10.38 17.75
C TRP B 192 -0.32 -10.32 19.12
N TYR B 193 1.01 -10.17 19.11
CA TYR B 193 1.78 -10.35 20.34
C TYR B 193 2.68 -9.16 20.54
N LYS B 194 2.58 -8.53 21.72
CA LYS B 194 3.43 -7.37 22.04
C LYS B 194 3.93 -7.40 23.49
N VAL B 195 5.23 -7.21 23.69
CA VAL B 195 5.79 -7.10 25.05
C VAL B 195 5.40 -5.74 25.67
N LYS B 196 4.86 -5.80 26.87
CA LYS B 196 4.64 -4.60 27.68
C LYS B 196 5.24 -4.86 29.08
N GLY B 197 6.41 -4.26 29.30
CA GLY B 197 7.20 -4.42 30.51
C GLY B 197 7.45 -5.86 30.90
N ASP B 198 6.83 -6.24 32.02
CA ASP B 198 6.90 -7.56 32.61
C ASP B 198 6.29 -8.67 31.71
N SER B 199 5.23 -8.32 30.96
CA SER B 199 4.34 -9.35 30.39
C SER B 199 4.01 -9.24 28.89
N TRP B 200 3.41 -10.29 28.36
CA TRP B 200 2.93 -10.29 26.99
C TRP B 200 1.50 -9.77 26.90
N VAL B 201 1.28 -8.91 25.92
CA VAL B 201 -0.08 -8.56 25.55
C VAL B 201 -0.48 -9.43 24.33
N VAL B 202 -1.58 -10.16 24.45
CA VAL B 202 -2.06 -11.11 23.44
C VAL B 202 -3.42 -10.72 22.89
N ASN B 203 -3.49 -10.55 21.56
CA ASN B 203 -4.76 -10.38 20.86
C ASN B 203 -4.75 -10.82 19.39
N THR B 204 -5.27 -12.03 19.20
CA THR B 204 -5.25 -12.68 17.90
C THR B 204 -6.52 -12.38 17.16
N GLU B 205 -7.34 -11.49 17.71
CA GLU B 205 -8.61 -11.17 17.12
C GLU B 205 -8.70 -9.71 16.70
N THR B 206 -7.74 -9.35 15.87
CA THR B 206 -7.62 -8.03 15.30
C THR B 206 -8.61 -7.83 14.14
N ASP B 207 -8.67 -6.61 13.61
CA ASP B 207 -9.40 -6.31 12.38
C ASP B 207 -8.96 -7.20 11.19
N GLY B 208 -7.65 -7.47 11.08
CA GLY B 208 -7.09 -8.32 10.02
C GLY B 208 -7.50 -9.76 10.22
N SER B 209 -7.50 -10.24 11.46
CA SER B 209 -8.09 -11.55 11.75
C SER B 209 -9.57 -11.63 11.36
N LYS B 210 -10.35 -10.60 11.69
CA LYS B 210 -11.78 -10.63 11.41
C LYS B 210 -12.01 -10.62 9.91
N ALA B 211 -11.25 -9.76 9.22
CA ALA B 211 -11.34 -9.66 7.77
C ALA B 211 -10.90 -10.94 7.00
N THR B 212 -9.86 -11.63 7.47
CA THR B 212 -9.42 -12.92 6.91
C THR B 212 -10.45 -14.08 7.16
N ALA B 213 -10.95 -14.18 8.40
CA ALA B 213 -12.00 -15.11 8.71
C ALA B 213 -13.19 -14.89 7.74
N ASP B 214 -13.59 -13.65 7.51
CA ASP B 214 -14.77 -13.37 6.71
C ASP B 214 -14.65 -13.69 5.21
N PHE B 215 -13.52 -13.29 4.61
CA PHE B 215 -13.08 -13.70 3.26
C PHE B 215 -13.23 -15.21 3.07
N TYR B 216 -12.52 -16.00 3.86
CA TYR B 216 -12.59 -17.50 3.77
C TYR B 216 -13.97 -18.08 4.11
N GLN B 217 -14.66 -17.50 5.08
CA GLN B 217 -16.05 -17.95 5.37
C GLN B 217 -16.98 -17.78 4.18
N GLN B 218 -16.99 -16.61 3.57
CA GLN B 218 -17.82 -16.37 2.41
C GLN B 218 -17.46 -17.33 1.25
N LEU B 219 -16.19 -17.65 1.09
CA LEU B 219 -15.77 -18.54 -0.02
C LEU B 219 -16.21 -19.96 0.25
N LEU B 220 -16.09 -20.39 1.49
CA LEU B 220 -16.53 -21.71 1.89
C LEU B 220 -18.06 -21.85 1.80
N ASP B 221 -18.79 -20.87 2.37
CA ASP B 221 -20.27 -20.86 2.26
C ASP B 221 -20.74 -20.88 0.82
N ALA B 222 -19.93 -20.34 -0.09
CA ALA B 222 -20.28 -20.32 -1.49
C ALA B 222 -19.73 -21.52 -2.24
N LYS B 223 -19.06 -22.44 -1.55
CA LYS B 223 -18.38 -23.59 -2.22
C LYS B 223 -17.46 -23.09 -3.33
N ALA B 224 -16.68 -22.05 -3.05
CA ALA B 224 -15.93 -21.37 -4.11
C ALA B 224 -14.43 -21.37 -3.83
N ALA B 225 -14.01 -22.20 -2.89
CA ALA B 225 -12.63 -22.47 -2.58
C ALA B 225 -12.47 -23.99 -2.40
N THR B 226 -11.32 -24.53 -2.78
CA THR B 226 -11.02 -25.94 -2.49
C THR B 226 -10.71 -26.06 -1.01
N THR B 227 -10.96 -27.24 -0.45
CA THR B 227 -10.73 -27.45 0.95
C THR B 227 -9.70 -28.58 1.20
N ASN B 228 -8.99 -29.01 0.13
CA ASN B 228 -7.96 -30.05 0.26
C ASN B 228 -6.76 -29.59 1.07
N PRO B 229 -6.32 -30.41 2.06
CA PRO B 229 -5.12 -30.04 2.77
C PRO B 229 -3.94 -29.79 1.79
N ARG B 230 -3.17 -28.73 2.04
CA ARG B 230 -2.06 -28.37 1.15
C ARG B 230 -1.13 -29.54 0.80
N TRP B 231 -0.74 -30.32 1.81
CA TRP B 231 0.22 -31.43 1.63
C TRP B 231 -0.36 -32.79 1.24
N ASP B 232 -1.68 -32.87 1.09
CA ASP B 232 -2.33 -34.10 0.63
C ASP B 232 -2.34 -34.24 -0.87
N PRO B 233 -2.31 -35.49 -1.38
CA PRO B 233 -2.35 -35.76 -2.82
C PRO B 233 -3.53 -35.07 -3.49
N SER B 234 -4.62 -34.86 -2.74
CA SER B 234 -5.80 -34.19 -3.30
C SER B 234 -5.54 -32.76 -3.72
N PHE B 235 -4.61 -32.08 -3.06
CA PHE B 235 -4.27 -30.70 -3.44
C PHE B 235 -3.53 -30.76 -4.77
N ASP B 236 -2.52 -31.63 -4.88
CA ASP B 236 -1.84 -31.87 -6.17
C ASP B 236 -2.82 -32.19 -7.27
N ALA B 237 -3.76 -33.09 -6.99
CA ALA B 237 -4.73 -33.52 -7.99
C ALA B 237 -5.57 -32.39 -8.54
N SER B 238 -5.96 -31.41 -7.68
CA SER B 238 -6.70 -30.24 -8.15
C SER B 238 -5.88 -29.33 -9.03
N ILE B 239 -4.56 -29.29 -8.88
CA ILE B 239 -3.74 -28.51 -9.85
C ILE B 239 -3.70 -29.32 -11.16
N LYS B 240 -3.47 -30.65 -11.01
CA LYS B 240 -3.30 -31.51 -12.16
C LYS B 240 -4.51 -31.54 -13.08
N ASP B 241 -5.69 -31.59 -12.50
CA ASP B 241 -6.91 -31.71 -13.28
C ASP B 241 -7.49 -30.34 -13.74
N GLY B 242 -6.74 -29.26 -13.51
CA GLY B 242 -7.15 -27.93 -14.01
C GLY B 242 -8.25 -27.24 -13.18
N SER B 243 -8.71 -27.85 -12.10
CA SER B 243 -9.75 -27.24 -11.26
C SER B 243 -9.26 -26.05 -10.39
N LEU B 244 -8.11 -26.21 -9.75
CA LEU B 244 -7.45 -25.12 -9.02
C LEU B 244 -6.63 -24.20 -9.90
N ILE B 245 -7.14 -22.98 -10.11
CA ILE B 245 -6.49 -22.02 -11.00
C ILE B 245 -5.98 -20.74 -10.39
N GLY B 246 -6.15 -20.62 -9.06
CA GLY B 246 -5.50 -19.57 -8.30
C GLY B 246 -5.47 -19.87 -6.81
N THR B 247 -4.44 -19.36 -6.14
CA THR B 247 -4.33 -19.57 -4.70
C THR B 247 -3.30 -18.67 -4.11
N VAL B 248 -3.55 -18.31 -2.85
CA VAL B 248 -2.47 -17.74 -2.05
C VAL B 248 -1.34 -18.79 -1.92
N ALA B 249 -0.09 -18.32 -1.90
CA ALA B 249 1.04 -19.22 -1.68
C ALA B 249 2.16 -18.41 -1.11
N ALA B 250 2.94 -19.04 -0.24
CA ALA B 250 4.20 -18.48 0.22
C ALA B 250 5.21 -18.52 -0.93
N ALA B 251 6.09 -17.51 -1.04
CA ALA B 251 6.98 -17.41 -2.20
C ALA B 251 7.82 -18.68 -2.46
N TRP B 252 8.32 -19.30 -1.38
CA TRP B 252 9.18 -20.49 -1.46
C TRP B 252 8.45 -21.74 -2.01
N GLU B 253 7.14 -21.64 -2.17
CA GLU B 253 6.30 -22.71 -2.73
C GLU B 253 6.51 -22.95 -4.26
N ALA B 254 7.14 -22.00 -4.95
CA ALA B 254 7.12 -22.02 -6.40
C ALA B 254 7.56 -23.36 -7.04
N PRO B 255 8.75 -23.92 -6.70
CA PRO B 255 9.12 -25.22 -7.32
C PRO B 255 8.26 -26.41 -6.85
N LEU B 256 7.81 -26.36 -5.59
CA LEU B 256 6.94 -27.43 -5.04
C LEU B 256 5.65 -27.47 -5.79
N PHE B 257 5.08 -26.30 -6.01
CA PHE B 257 3.85 -26.16 -6.72
C PHE B 257 4.03 -26.60 -8.21
N MET B 258 5.13 -26.19 -8.83
CA MET B 258 5.42 -26.60 -10.22
C MET B 258 5.49 -28.13 -10.30
N THR B 259 6.16 -28.77 -9.35
CA THR B 259 6.19 -30.26 -9.35
C THR B 259 4.78 -30.87 -9.15
N SER B 260 4.02 -30.29 -8.21
CA SER B 260 2.70 -30.78 -7.86
C SER B 260 1.74 -30.69 -9.03
N SER B 261 1.94 -29.68 -9.89
CA SER B 261 1.10 -29.45 -11.04
C SER B 261 1.21 -30.59 -12.08
N GLY B 262 2.31 -31.33 -12.12
CA GLY B 262 2.49 -32.34 -13.21
C GLY B 262 2.52 -31.69 -14.60
N GLY B 263 2.78 -30.39 -14.63
CA GLY B 263 2.87 -29.58 -15.84
C GLY B 263 1.58 -28.94 -16.32
N THR B 264 0.48 -29.11 -15.58
CA THR B 264 -0.81 -28.54 -15.99
C THR B 264 -0.75 -27.00 -15.87
N GLY B 265 -1.14 -26.31 -16.95
CA GLY B 265 -1.03 -24.85 -17.05
C GLY B 265 0.34 -24.26 -17.32
N SER B 266 1.37 -25.11 -17.50
CA SER B 266 2.74 -24.64 -17.74
C SER B 266 2.66 -23.66 -18.90
N GLY B 267 3.44 -22.58 -18.83
CA GLY B 267 3.29 -21.46 -19.77
C GLY B 267 2.18 -20.44 -19.44
N GLU B 268 1.23 -20.84 -18.61
CA GLU B 268 0.04 -20.04 -18.33
C GLU B 268 0.00 -19.48 -16.88
N TRP B 269 0.87 -20.00 -15.98
CA TRP B 269 0.86 -19.55 -14.58
C TRP B 269 1.49 -18.17 -14.44
N GLN B 270 1.08 -17.43 -13.42
CA GLN B 270 1.61 -16.11 -13.16
C GLN B 270 1.67 -15.85 -11.64
N VAL B 271 2.64 -15.06 -11.21
CA VAL B 271 2.72 -14.58 -9.80
C VAL B 271 2.25 -13.10 -9.76
N ALA B 272 1.31 -12.81 -8.84
CA ALA B 272 0.86 -11.46 -8.56
C ALA B 272 0.92 -11.20 -7.05
N GLN B 273 0.96 -9.93 -6.68
CA GLN B 273 0.91 -9.56 -5.26
C GLN B 273 -0.45 -9.91 -4.73
N LEU B 274 -0.59 -10.16 -3.42
CA LEU B 274 -1.93 -10.34 -2.88
C LEU B 274 -2.79 -9.09 -3.11
N GLY B 275 -4.08 -9.27 -3.42
CA GLY B 275 -5.03 -8.11 -3.49
C GLY B 275 -5.40 -7.73 -2.04
N ASP B 276 -6.29 -6.76 -1.88
CA ASP B 276 -6.66 -6.26 -0.54
C ASP B 276 -7.83 -7.10 -0.05
N TRP B 277 -7.58 -8.38 0.25
CA TRP B 277 -8.67 -9.35 0.53
C TRP B 277 -8.83 -9.67 2.01
N PHE B 278 -7.81 -9.37 2.79
CA PHE B 278 -7.71 -9.83 4.16
C PHE B 278 -7.68 -8.70 5.19
N GLY B 279 -8.18 -7.54 4.78
CA GLY B 279 -8.05 -6.32 5.60
C GLY B 279 -6.59 -5.91 5.75
N ASN B 280 -5.75 -6.29 4.77
CA ASN B 280 -4.26 -6.14 4.82
C ASN B 280 -3.78 -4.81 4.23
N ALA B 281 -4.72 -4.09 3.62
CA ALA B 281 -4.48 -2.76 3.08
C ALA B 281 -3.19 -2.73 2.29
N GLY B 282 -3.08 -3.64 1.32
CA GLY B 282 -1.92 -3.57 0.40
C GLY B 282 -0.58 -4.05 0.99
N LYS B 283 -0.59 -4.52 2.24
CA LYS B 283 0.56 -5.20 2.80
C LYS B 283 0.46 -6.72 2.51
N THR B 284 1.57 -7.41 2.53
CA THR B 284 1.45 -8.88 2.61
C THR B 284 2.00 -9.24 3.99
N GLY B 285 2.05 -10.53 4.32
CA GLY B 285 2.68 -10.95 5.56
C GLY B 285 3.53 -12.19 5.36
N PRO B 286 4.23 -12.60 6.43
CA PRO B 286 5.14 -13.74 6.38
C PRO B 286 4.47 -15.12 6.57
N ASP B 287 5.00 -16.10 5.85
CA ASP B 287 4.55 -17.46 6.03
C ASP B 287 5.83 -18.27 5.93
N GLY B 288 6.31 -18.71 7.08
CA GLY B 288 7.65 -19.25 7.12
C GLY B 288 8.73 -18.22 6.80
N GLY B 289 9.83 -18.74 6.24
CA GLY B 289 11.13 -18.05 6.20
C GLY B 289 11.93 -18.46 7.43
N SER B 290 13.22 -18.69 7.23
CA SER B 290 14.01 -19.36 8.28
C SER B 290 15.40 -18.76 8.42
N ALA B 291 15.96 -18.95 9.61
CA ALA B 291 17.36 -18.70 9.88
C ALA B 291 18.06 -20.04 10.00
N VAL B 292 19.38 -20.02 10.10
CA VAL B 292 20.10 -21.17 10.65
C VAL B 292 20.76 -20.70 11.91
N ALA B 293 20.53 -21.44 12.99
CA ALA B 293 20.97 -21.05 14.32
C ALA B 293 22.12 -21.93 14.79
N VAL B 294 22.97 -21.37 15.65
CA VAL B 294 23.99 -22.16 16.31
C VAL B 294 23.40 -22.64 17.63
N LEU B 295 23.50 -23.94 17.86
CA LEU B 295 22.89 -24.53 19.03
C LEU B 295 23.79 -24.45 20.26
N LYS B 296 23.10 -24.46 21.41
CA LYS B 296 23.67 -24.18 22.74
C LYS B 296 25.10 -24.63 22.93
N ASN B 297 25.34 -25.92 22.68
CA ASN B 297 26.61 -26.53 23.07
C ASN B 297 27.54 -26.77 21.88
N SER B 298 27.34 -26.02 20.80
CA SER B 298 28.30 -26.16 19.67
C SER B 298 29.68 -25.75 20.17
N LYS B 299 30.65 -26.63 19.94
CA LYS B 299 32.06 -26.39 20.30
C LYS B 299 32.76 -25.44 19.32
N HIS B 300 32.23 -25.33 18.11
CA HIS B 300 32.89 -24.53 17.09
C HIS B 300 31.97 -23.48 16.46
N PRO B 301 31.49 -22.54 17.28
CA PRO B 301 30.59 -21.48 16.79
C PRO B 301 31.25 -20.59 15.72
N LYS B 302 32.55 -20.29 15.85
CA LYS B 302 33.19 -19.42 14.84
C LYS B 302 33.14 -20.05 13.46
N GLU B 303 33.49 -21.32 13.38
CA GLU B 303 33.55 -22.02 12.09
C GLU B 303 32.17 -22.43 11.54
N ALA B 304 31.25 -22.72 12.44
CA ALA B 304 29.85 -22.89 12.06
C ALA B 304 29.36 -21.62 11.36
N MET B 305 29.69 -20.46 11.92
CA MET B 305 29.31 -19.18 11.36
C MET B 305 30.07 -18.85 10.08
N GLU B 306 31.36 -19.19 10.04
CA GLU B 306 32.16 -19.07 8.80
C GLU B 306 31.51 -19.82 7.63
N PHE B 307 31.28 -21.12 7.82
CA PHE B 307 30.56 -21.93 6.83
C PHE B 307 29.16 -21.41 6.51
N LEU B 308 28.43 -21.01 7.55
CA LEU B 308 27.04 -20.60 7.36
C LEU B 308 26.94 -19.31 6.50
N ASP B 309 27.83 -18.35 6.73
CA ASP B 309 27.83 -17.17 5.85
C ASP B 309 28.04 -17.54 4.39
N TRP B 310 29.00 -18.43 4.13
CA TRP B 310 29.23 -18.95 2.79
C TRP B 310 27.98 -19.68 2.26
N PHE B 311 27.47 -20.65 3.03
CA PHE B 311 26.27 -21.36 2.61
C PHE B 311 25.10 -20.44 2.25
N ASN B 312 24.77 -19.51 3.15
CA ASN B 312 23.61 -18.63 2.98
C ASN B 312 23.83 -17.53 1.91
N THR B 313 25.06 -17.42 1.40
CA THR B 313 25.31 -16.50 0.25
C THR B 313 25.53 -17.27 -1.08
N GLN B 314 25.28 -18.57 -1.08
CA GLN B 314 25.31 -19.32 -2.37
C GLN B 314 23.99 -19.10 -3.07
N VAL B 315 23.76 -17.85 -3.47
CA VAL B 315 22.42 -17.47 -3.96
C VAL B 315 21.74 -18.37 -5.01
N PRO B 316 22.40 -18.69 -6.16
CA PRO B 316 21.64 -19.52 -7.11
C PRO B 316 21.30 -20.94 -6.59
N ASP B 317 22.17 -21.51 -5.76
CA ASP B 317 21.89 -22.85 -5.18
C ASP B 317 20.70 -22.75 -4.21
N LEU B 318 20.66 -21.68 -3.39
CA LEU B 318 19.51 -21.43 -2.50
C LEU B 318 18.23 -21.25 -3.26
N VAL B 319 18.29 -20.45 -4.33
CA VAL B 319 17.15 -20.26 -5.21
C VAL B 319 16.64 -21.56 -5.82
N SER B 320 17.52 -22.45 -6.29
CA SER B 320 17.02 -23.73 -6.83
C SER B 320 16.14 -24.50 -5.81
N GLN B 321 16.39 -24.29 -4.52
CA GLN B 321 15.53 -24.92 -3.47
C GLN B 321 14.22 -24.16 -3.25
N GLY B 322 13.98 -23.14 -4.06
CA GLY B 322 12.79 -22.29 -3.89
C GLY B 322 12.90 -21.12 -2.95
N LEU B 323 14.09 -20.88 -2.38
CA LEU B 323 14.24 -19.91 -1.33
C LEU B 323 14.26 -18.52 -1.93
N VAL B 324 13.71 -17.54 -1.21
CA VAL B 324 13.95 -16.12 -1.53
C VAL B 324 15.03 -15.68 -0.56
N PRO B 325 16.32 -15.67 -1.01
CA PRO B 325 17.41 -15.50 -0.07
C PRO B 325 17.36 -14.19 0.71
N ALA B 326 17.78 -14.26 1.97
CA ALA B 326 18.09 -13.08 2.77
C ALA B 326 19.38 -12.38 2.33
N ALA B 327 20.31 -13.11 1.68
CA ALA B 327 21.59 -12.57 1.21
C ALA B 327 21.37 -11.47 0.24
N THR B 328 22.22 -10.44 0.36
CA THR B 328 22.15 -9.28 -0.58
C THR B 328 23.44 -9.19 -1.42
N THR B 329 24.24 -10.24 -1.33
CA THR B 329 25.54 -10.27 -2.02
C THR B 329 25.46 -10.36 -3.55
N GLU B 330 24.40 -10.94 -4.07
CA GLU B 330 24.19 -10.91 -5.50
C GLU B 330 22.72 -11.05 -5.67
N ASP B 331 22.20 -10.62 -6.79
CA ASP B 331 20.77 -10.75 -6.90
C ASP B 331 20.32 -12.17 -7.24
N ALA B 332 19.06 -12.42 -6.91
CA ALA B 332 18.44 -13.70 -7.07
C ALA B 332 17.79 -13.77 -8.45
N GLU B 333 18.18 -14.73 -9.28
CA GLU B 333 17.64 -14.81 -10.63
C GLU B 333 16.69 -15.96 -10.66
N THR B 334 15.57 -15.80 -11.37
CA THR B 334 14.58 -16.84 -11.62
C THR B 334 15.19 -17.89 -12.53
N PRO B 335 15.15 -19.18 -12.12
CA PRO B 335 15.70 -20.23 -13.00
C PRO B 335 14.94 -20.28 -14.32
N SER B 336 15.61 -20.55 -15.44
CA SER B 336 14.94 -20.49 -16.77
C SER B 336 13.74 -21.38 -16.83
N GLU B 337 13.82 -22.54 -16.19
CA GLU B 337 12.70 -23.48 -16.22
C GLU B 337 11.52 -22.94 -15.41
N TRP B 338 11.79 -22.22 -14.33
CA TRP B 338 10.68 -21.63 -13.57
C TRP B 338 9.99 -20.53 -14.42
N SER B 339 10.78 -19.67 -15.05
CA SER B 339 10.14 -18.56 -15.79
C SER B 339 9.31 -19.12 -16.91
N THR B 340 9.82 -20.17 -17.59
CA THR B 340 9.01 -20.89 -18.59
C THR B 340 7.65 -21.39 -18.10
N PHE B 341 7.62 -22.12 -16.99
CA PHE B 341 6.35 -22.53 -16.36
C PHE B 341 5.43 -21.31 -16.15
N PHE B 342 6.01 -20.22 -15.64
CA PHE B 342 5.21 -19.00 -15.31
C PHE B 342 5.11 -18.01 -16.51
N GLY B 343 4.86 -18.58 -17.70
CA GLY B 343 4.72 -17.79 -18.95
C GLY B 343 5.73 -16.74 -19.27
N GLY B 344 6.98 -16.96 -18.89
CA GLY B 344 8.07 -16.02 -19.19
C GLY B 344 8.44 -15.07 -18.07
N GLN B 345 7.65 -15.06 -17.02
CA GLN B 345 7.78 -14.09 -15.92
C GLN B 345 9.00 -14.27 -15.05
N ASP B 346 9.71 -13.18 -14.79
CA ASP B 346 10.69 -13.11 -13.72
C ASP B 346 9.91 -13.02 -12.38
N ILE B 347 9.61 -14.19 -11.81
CA ILE B 347 8.78 -14.23 -10.60
C ILE B 347 9.53 -13.79 -9.38
N MET B 348 10.85 -13.95 -9.40
CA MET B 348 11.68 -13.52 -8.31
C MET B 348 11.61 -12.01 -8.09
N LYS B 349 11.41 -11.24 -9.15
CA LYS B 349 11.13 -9.81 -9.00
C LYS B 349 9.86 -9.55 -8.16
N GLU B 350 8.78 -10.30 -8.42
CA GLU B 350 7.55 -10.25 -7.63
C GLU B 350 7.75 -10.62 -6.15
N PHE B 351 8.62 -11.61 -5.91
CA PHE B 351 8.98 -12.05 -4.56
C PHE B 351 9.75 -10.98 -3.81
N LYS B 352 10.72 -10.33 -4.47
CA LYS B 352 11.37 -9.17 -3.88
C LYS B 352 10.39 -7.99 -3.62
N THR B 353 9.47 -7.73 -4.52
CA THR B 353 8.44 -6.74 -4.25
C THR B 353 7.56 -7.10 -3.04
N ALA B 354 7.13 -8.35 -2.93
CA ALA B 354 6.27 -8.82 -1.86
C ALA B 354 7.07 -8.63 -0.59
N ASN B 355 8.31 -9.06 -0.64
CA ASN B 355 9.21 -8.82 0.46
C ASN B 355 9.24 -7.40 1.04
N ASN B 356 9.29 -6.38 0.16
CA ASN B 356 9.36 -4.98 0.58
C ASN B 356 8.02 -4.49 1.13
N ASN B 357 6.96 -5.24 0.84
CA ASN B 357 5.63 -4.93 1.33
C ASN B 357 5.13 -5.79 2.46
N MET B 358 6.04 -6.52 3.09
CA MET B 358 5.66 -7.52 4.07
C MET B 358 5.77 -6.94 5.49
N GLY B 359 4.65 -6.98 6.22
CA GLY B 359 4.64 -6.47 7.58
C GLY B 359 5.48 -7.30 8.53
N ASP B 360 5.98 -6.64 9.56
CA ASP B 360 6.70 -7.29 10.62
C ASP B 360 5.69 -8.02 11.50
N PHE B 361 6.10 -9.15 12.07
CA PHE B 361 5.20 -9.88 12.95
C PHE B 361 6.04 -10.53 14.05
N THR B 362 5.76 -10.14 15.29
CA THR B 362 6.40 -10.77 16.46
C THR B 362 5.65 -12.05 16.79
N TYR B 363 6.38 -13.14 16.91
CA TYR B 363 5.86 -14.42 17.34
C TYR B 363 6.16 -14.74 18.79
N MET B 364 5.15 -14.99 19.59
CA MET B 364 5.39 -15.36 21.00
C MET B 364 6.22 -16.64 21.11
N PRO B 365 6.97 -16.81 22.21
CA PRO B 365 7.57 -18.12 22.38
C PRO B 365 6.43 -19.12 22.62
N GLY B 366 6.48 -20.29 22.00
CA GLY B 366 5.36 -21.26 22.08
C GLY B 366 4.32 -21.13 20.97
N PHE B 367 4.59 -20.22 20.02
CA PHE B 367 3.69 -20.04 18.89
C PHE B 367 3.43 -21.37 18.13
N SER B 368 4.33 -22.33 18.25
CA SER B 368 4.09 -23.63 17.63
C SER B 368 2.76 -24.27 18.08
N ALA B 369 2.39 -24.07 19.35
CA ALA B 369 1.13 -24.61 19.88
C ALA B 369 -0.03 -23.89 19.25
N VAL B 370 0.12 -22.57 19.10
CA VAL B 370 -0.87 -21.74 18.47
C VAL B 370 -1.08 -22.20 17.02
N ALA B 371 0.02 -22.37 16.27
CA ALA B 371 -0.09 -22.80 14.88
C ALA B 371 -0.82 -24.13 14.75
N ALA B 372 -0.51 -25.07 15.66
CA ALA B 372 -1.08 -26.43 15.60
C ALA B 372 -2.57 -26.34 15.93
N LYS B 373 -2.93 -25.51 16.91
CA LYS B 373 -4.35 -25.33 17.22
C LYS B 373 -5.08 -24.75 16.02
N MET B 374 -4.49 -23.70 15.41
CA MET B 374 -5.10 -23.09 14.21
C MET B 374 -5.40 -24.08 13.13
N ASN B 375 -4.45 -24.99 12.89
CA ASN B 375 -4.62 -26.09 11.95
C ASN B 375 -5.83 -26.98 12.29
N GLU B 376 -5.91 -27.39 13.56
CA GLU B 376 -6.97 -28.30 14.00
C GLU B 376 -8.33 -27.62 13.85
N THR B 377 -8.45 -26.40 14.36
CA THR B 377 -9.67 -25.62 14.21
C THR B 377 -10.04 -25.31 12.77
N ALA B 378 -9.04 -25.02 11.92
CA ALA B 378 -9.33 -24.74 10.50
C ALA B 378 -10.05 -25.89 9.76
N ALA B 379 -9.69 -27.12 10.11
CA ALA B 379 -10.22 -28.32 9.47
C ALA B 379 -11.70 -28.51 9.80
N LYS B 380 -12.10 -28.01 10.95
CA LYS B 380 -13.51 -28.06 11.37
C LYS B 380 -14.44 -27.16 10.59
N ALA B 381 -13.91 -26.08 9.98
CA ALA B 381 -14.75 -25.25 9.13
C ALA B 381 -15.17 -25.93 7.82
N THR B 382 -14.50 -27.02 7.47
CA THR B 382 -14.56 -27.65 6.14
C THR B 382 -15.90 -28.33 5.74
N GLY B 386 -17.52 -26.17 12.30
CA GLY B 386 -17.11 -24.92 12.92
C GLY B 386 -17.09 -23.78 11.92
N LYS B 387 -16.70 -22.63 12.43
CA LYS B 387 -16.60 -21.41 11.66
C LYS B 387 -15.10 -21.04 11.48
N VAL B 388 -14.76 -20.38 10.38
CA VAL B 388 -13.36 -19.95 10.15
C VAL B 388 -12.97 -19.00 11.28
N ALA B 389 -13.92 -18.19 11.74
CA ALA B 389 -13.67 -17.29 12.87
C ALA B 389 -13.14 -18.01 14.13
N ASP B 390 -13.55 -19.27 14.35
CA ASP B 390 -13.10 -20.03 15.51
C ASP B 390 -11.59 -20.23 15.53
N ILE B 391 -10.95 -20.22 14.35
CA ILE B 391 -9.49 -20.27 14.24
C ILE B 391 -8.81 -19.28 15.19
N PHE B 392 -9.21 -18.01 15.06
CA PHE B 392 -8.68 -16.87 15.85
C PHE B 392 -9.08 -16.83 17.33
N SER B 393 -10.31 -17.29 17.62
CA SER B 393 -10.71 -17.41 19.04
C SER B 393 -9.96 -18.55 19.76
N ASP B 394 -9.81 -19.69 19.09
CA ASP B 394 -9.01 -20.78 19.62
C ASP B 394 -7.55 -20.37 19.74
N ALA B 395 -7.05 -19.60 18.75
CA ALA B 395 -5.67 -19.12 18.77
C ALA B 395 -5.46 -18.23 20.01
N GLN B 396 -6.43 -17.38 20.34
CA GLN B 396 -6.32 -16.53 21.55
C GLN B 396 -6.15 -17.38 22.80
N THR B 397 -7.06 -18.33 23.05
CA THR B 397 -6.92 -19.10 24.27
C THR B 397 -5.70 -19.98 24.28
N THR B 398 -5.32 -20.57 23.14
CA THR B 398 -4.07 -21.37 23.11
C THR B 398 -2.85 -20.48 23.39
N SER B 399 -2.85 -19.28 22.83
CA SER B 399 -1.75 -18.35 23.01
C SER B 399 -1.54 -18.05 24.50
N VAL B 400 -2.62 -17.64 25.15
CA VAL B 400 -2.60 -17.34 26.58
C VAL B 400 -2.21 -18.58 27.40
N ASP B 401 -2.86 -19.71 27.15
CA ASP B 401 -2.58 -20.93 27.91
C ASP B 401 -1.12 -21.39 27.73
N THR B 402 -0.58 -21.22 26.52
CA THR B 402 0.82 -21.63 26.24
C THR B 402 1.83 -20.69 26.91
N LEU B 403 1.55 -19.39 26.94
CA LEU B 403 2.44 -18.48 27.64
C LEU B 403 2.54 -18.88 29.12
N LYS B 404 1.41 -19.23 29.74
CA LYS B 404 1.37 -19.73 31.13
C LYS B 404 2.17 -21.00 31.32
N ASN B 405 1.96 -21.98 30.43
CA ASN B 405 2.75 -23.22 30.43
C ASN B 405 4.25 -22.95 30.37
N PHE B 406 4.63 -21.89 29.64
CA PHE B 406 6.02 -21.48 29.46
C PHE B 406 6.58 -20.74 30.71
N GLY B 407 5.68 -20.50 31.67
CA GLY B 407 5.98 -19.76 32.88
C GLY B 407 6.11 -18.26 32.60
N LEU B 408 5.33 -17.77 31.64
CA LEU B 408 5.44 -16.37 31.19
C LEU B 408 4.19 -15.57 31.50
N SER B 409 4.41 -14.32 31.88
CA SER B 409 3.35 -13.45 32.34
C SER B 409 2.58 -12.88 31.15
N VAL B 410 1.24 -12.87 31.29
CA VAL B 410 0.33 -12.28 30.31
C VAL B 410 -0.43 -11.06 30.90
N SER B 411 -0.74 -10.07 30.07
CA SER B 411 -1.63 -8.96 30.45
C SER B 411 -2.44 -8.45 29.23
C1 NGA C . -12.77 23.27 -5.21
C2 NGA C . -11.48 23.41 -6.08
C3 NGA C . -10.38 24.00 -5.20
C4 NGA C . -10.83 25.25 -4.38
C5 NGA C . -12.16 24.99 -3.67
C6 NGA C . -12.69 26.25 -3.00
C7 NGA C . -10.64 21.98 -7.87
C8 NGA C . -10.27 20.58 -8.27
N2 NGA C . -11.07 22.10 -6.61
O1 NGA C . -13.80 22.95 -6.09
O3 NGA C . -9.19 24.24 -5.98
O4 NGA C . -10.88 26.40 -5.26
O5 NGA C . -13.11 24.50 -4.62
O6 NGA C . -11.84 26.65 -1.89
O7 NGA C . -10.56 22.95 -8.64
C1 GAL C . -7.99 24.04 -5.21
C2 GAL C . -6.86 23.59 -6.14
C3 GAL C . -5.54 23.59 -5.37
C4 GAL C . -5.30 24.92 -4.66
C5 GAL C . -6.50 25.26 -3.74
C6 GAL C . -6.43 26.69 -3.24
O2 GAL C . -7.14 22.35 -6.74
O3 GAL C . -4.56 23.29 -6.33
O4 GAL C . -5.19 25.93 -5.68
O5 GAL C . -7.63 25.25 -4.60
O6 GAL C . -7.12 26.85 -2.02
C1 NGA D . 5.31 -25.96 5.80
C2 NGA D . 6.61 -25.35 6.33
C3 NGA D . 7.56 -25.10 5.14
C4 NGA D . 7.77 -26.39 4.33
C5 NGA D . 6.43 -27.02 3.96
C6 NGA D . 6.48 -28.36 3.22
C7 NGA D . 6.93 -23.73 8.13
C8 NGA D . 6.51 -22.40 8.69
N2 NGA D . 6.34 -24.09 6.98
O1 NGA D . 4.45 -26.28 6.91
O3 NGA D . 8.79 -24.54 5.65
O4 NGA D . 8.59 -27.32 5.02
O5 NGA D . 5.63 -27.19 5.12
O6 NGA D . 7.11 -28.10 1.96
O7 NGA D . 7.70 -24.44 8.73
C1 GAL D . 9.46 -23.66 4.74
C2 GAL D . 10.27 -22.61 5.51
C3 GAL D . 11.08 -21.81 4.48
C4 GAL D . 11.85 -22.70 3.49
C5 GAL D . 10.94 -23.76 2.85
C6 GAL D . 11.69 -24.78 1.97
O2 GAL D . 9.44 -21.71 6.23
O3 GAL D . 11.92 -20.92 5.18
O4 GAL D . 12.85 -23.39 4.23
O5 GAL D . 10.32 -24.47 3.91
O6 GAL D . 10.79 -25.51 1.16
ZN ZN E . 9.47 38.79 -23.78
ZN ZN F . 14.97 42.07 -13.31
O1 MES G . 16.70 26.99 -12.04
C2 MES G . 15.91 28.06 -11.48
C3 MES G . 16.55 28.75 -10.28
N4 MES G . 17.05 27.71 -9.38
C5 MES G . 17.77 26.54 -9.90
C6 MES G . 17.07 25.97 -11.13
C7 MES G . 16.84 27.89 -7.94
C8 MES G . 17.29 26.56 -7.35
S MES G . 17.98 26.74 -5.84
O1S MES G . 17.07 27.49 -4.93
O2S MES G . 18.22 25.35 -5.36
O3S MES G . 19.27 27.47 -5.99
ZN ZN H . 36.53 -23.92 16.41
ZN ZN I . 39.60 -23.36 4.69
ZN ZN J . 19.82 -9.61 -11.81
ZN ZN K . 22.46 -11.71 -11.19
ZN ZN L . -17.96 -7.41 3.98
O1 MES M . 32.06 -11.40 5.03
C2 MES M . 31.74 -12.45 4.12
C3 MES M . 31.83 -12.04 2.65
N4 MES M . 31.77 -10.59 2.45
C5 MES M . 31.65 -9.57 3.51
C6 MES M . 31.29 -10.20 4.86
C7 MES M . 31.94 -10.08 1.09
C8 MES M . 30.80 -10.52 0.17
S MES M . 30.79 -9.72 -1.31
O1S MES M . 29.80 -8.60 -1.31
O2S MES M . 32.15 -9.16 -1.59
O3S MES M . 30.36 -10.75 -2.30
#